data_5S9X
#
_entry.id   5S9X
#
_cell.length_a   79.980
_cell.length_b   109.240
_cell.length_c   112.130
_cell.angle_alpha   90.000
_cell.angle_beta   90.000
_cell.angle_gamma   90.000
#
_symmetry.space_group_name_H-M   'P 21 21 21'
#
loop_
_entity.id
_entity.type
_entity.pdbx_description
1 polymer 'N(1),N(8)-bis(glutathionyl)spermidine reductase'
2 non-polymer 'FLAVIN-ADENINE DINUCLEOTIDE'
3 non-polymer 'DIMETHYL SULFOXIDE'
4 non-polymer 3-[(3,5-dimethyl-1,2-oxazol-4-yl)methyl]-5-methyl-1,3,4-thiadiazol-2(3H)-one
5 non-polymer 'MAGNESIUM ION'
6 non-polymer 'BROMIDE ION'
7 water water
#
_entity_poly.entity_id   1
_entity_poly.type   'polypeptide(L)'
_entity_poly.pdbx_seq_one_letter_code
;GSHMSKAFDLVVIGAGSGGLEAGWNAATLYGKRVAVVDVQTSHGPPFYAALGGTCVNVGCVPKKLMVTGAQYMDHLRESA
GFGWEFDGSSVKANWKKLIAAKNEAVLDINKSYEGMFNDTEGLDFFLGWGSLESKNVVVVRETADPKSAVKERLQADHIL
LATGSWPQMPAIPGIEHCISSNEAFYLPEPPRRVLTVGGGFISVEFAGIFNAYKPPGGKVTLCYRNNLILRGFDETIREE
VTKQLTANGIEIMTNENPAKVSLNTDGSKHVTFESGKTLDVDVVMMAIGRIPRTNDLQLGNVGVKLTPKGGVQVDEFSRT
NVPNIYAIGDITDRLMLTPVAINEGAALVDTVFGNKPRKTDHTRVASAVFSIPPIGTCGLIEEVAAKEFEKVAVYMSSFT
PLMHNISGSKYKKFVAKIVTNHSDGTVLGVHLLGDGAPEIIQAVGVCLRLNAKISDFYNTIGVHPTSAEELCSMRTPSYY
YVKGEKMEKLPDSNL
;
_entity_poly.pdbx_strand_id   A,B
#
# COMPACT_ATOMS: atom_id res chain seq x y z
N LYS A 6 17.06 17.48 -40.47
CA LYS A 6 16.46 18.75 -39.94
C LYS A 6 14.94 18.76 -40.12
N ALA A 7 14.38 17.78 -40.82
CA ALA A 7 12.92 17.62 -41.01
C ALA A 7 12.42 16.45 -40.16
N PHE A 8 11.33 16.66 -39.42
CA PHE A 8 10.76 15.66 -38.47
C PHE A 8 9.24 15.58 -38.62
N ASP A 9 8.70 14.37 -38.49
CA ASP A 9 7.24 14.15 -38.29
C ASP A 9 6.80 14.97 -37.07
N LEU A 10 7.50 14.84 -35.94
CA LEU A 10 7.12 15.50 -34.66
C LEU A 10 8.34 16.20 -34.06
N VAL A 11 8.16 17.47 -33.71
CA VAL A 11 9.12 18.20 -32.82
C VAL A 11 8.42 18.47 -31.49
N VAL A 12 9.09 18.03 -30.43
CA VAL A 12 8.63 18.17 -29.03
C VAL A 12 9.56 19.15 -28.34
N ILE A 13 8.98 20.19 -27.75
CA ILE A 13 9.69 21.19 -26.91
C ILE A 13 9.43 20.84 -25.45
N GLY A 14 10.45 20.27 -24.81
CA GLY A 14 10.47 19.84 -23.40
C GLY A 14 10.58 18.34 -23.33
N ALA A 15 11.70 17.83 -22.81
CA ALA A 15 11.98 16.39 -22.73
C ALA A 15 11.57 15.94 -21.33
N GLY A 16 10.32 16.22 -20.97
CA GLY A 16 9.75 15.92 -19.65
C GLY A 16 8.78 14.76 -19.70
N SER A 17 7.96 14.62 -18.67
CA SER A 17 7.08 13.46 -18.47
C SER A 17 6.22 13.25 -19.74
N GLY A 18 5.51 14.30 -20.14
CA GLY A 18 4.63 14.30 -21.33
C GLY A 18 5.43 14.25 -22.61
N GLY A 19 6.47 15.08 -22.74
CA GLY A 19 7.24 15.19 -23.99
C GLY A 19 7.96 13.91 -24.34
N LEU A 20 8.58 13.23 -23.36
CA LEU A 20 9.32 11.97 -23.65
C LEU A 20 8.36 10.84 -24.00
N GLU A 21 7.23 10.75 -23.30
CA GLU A 21 6.23 9.71 -23.62
C GLU A 21 5.82 9.89 -25.10
N ALA A 22 5.44 11.10 -25.49
CA ALA A 22 5.01 11.41 -26.87
C ALA A 22 6.13 11.03 -27.85
N GLY A 23 7.33 11.53 -27.56
CA GLY A 23 8.55 11.30 -28.36
C GLY A 23 8.84 9.83 -28.59
N TRP A 24 9.07 9.09 -27.51
N TRP A 24 9.05 9.08 -27.52
CA TRP A 24 9.42 7.65 -27.52
CA TRP A 24 9.44 7.64 -27.55
C TRP A 24 8.33 6.82 -28.22
C TRP A 24 8.34 6.79 -28.19
N ASN A 25 7.06 7.12 -27.95
CA ASN A 25 5.93 6.34 -28.50
C ASN A 25 5.87 6.56 -30.01
N ALA A 26 5.99 7.81 -30.43
CA ALA A 26 5.93 8.21 -31.85
C ALA A 26 7.04 7.45 -32.60
N ALA A 27 8.27 7.56 -32.13
CA ALA A 27 9.45 6.90 -32.73
C ALA A 27 9.24 5.39 -32.73
N THR A 28 9.00 4.78 -31.58
CA THR A 28 9.10 3.30 -31.43
C THR A 28 7.80 2.61 -31.82
N LEU A 29 6.65 3.26 -31.72
CA LEU A 29 5.35 2.57 -31.99
C LEU A 29 4.95 2.80 -33.47
N TYR A 30 5.37 3.90 -34.08
CA TYR A 30 4.88 4.30 -35.43
C TYR A 30 6.04 4.70 -36.34
N GLY A 31 7.26 4.25 -36.01
CA GLY A 31 8.49 4.53 -36.76
C GLY A 31 8.52 5.97 -37.25
N LYS A 32 8.05 6.93 -36.44
CA LYS A 32 8.01 8.36 -36.85
C LYS A 32 9.35 9.02 -36.54
N ARG A 33 9.62 10.17 -37.15
CA ARG A 33 10.91 10.87 -36.98
C ARG A 33 10.70 12.05 -36.04
N VAL A 34 11.35 12.00 -34.88
CA VAL A 34 11.03 12.88 -33.72
C VAL A 34 12.28 13.63 -33.27
N ALA A 35 12.14 14.94 -33.09
CA ALA A 35 13.11 15.81 -32.41
C ALA A 35 12.57 16.20 -31.04
N VAL A 36 13.36 15.99 -30.00
CA VAL A 36 13.02 16.51 -28.64
C VAL A 36 14.07 17.53 -28.19
N VAL A 37 13.58 18.71 -27.80
CA VAL A 37 14.36 19.90 -27.33
C VAL A 37 14.26 20.00 -25.81
N ASP A 38 15.39 20.14 -25.13
CA ASP A 38 15.43 20.60 -23.71
C ASP A 38 16.68 21.46 -23.50
N VAL A 39 16.64 22.29 -22.47
CA VAL A 39 17.68 23.31 -22.15
C VAL A 39 18.90 22.67 -21.46
N GLN A 40 18.81 21.42 -20.96
CA GLN A 40 19.85 20.87 -20.04
C GLN A 40 19.79 19.34 -20.05
N THR A 41 20.93 18.64 -19.91
CA THR A 41 20.98 17.17 -20.12
C THR A 41 20.92 16.43 -18.77
N SER A 42 21.16 17.14 -17.68
CA SER A 42 21.18 16.54 -16.33
C SER A 42 20.71 17.60 -15.36
N HIS A 43 20.35 17.18 -14.16
CA HIS A 43 19.64 17.94 -13.12
C HIS A 43 20.50 19.09 -12.62
N GLY A 44 19.81 20.10 -12.09
CA GLY A 44 20.33 21.07 -11.12
C GLY A 44 20.57 22.44 -11.76
N PRO A 45 21.22 23.35 -11.02
CA PRO A 45 21.44 24.71 -11.50
C PRO A 45 22.19 24.64 -12.82
N PRO A 46 22.01 25.61 -13.75
CA PRO A 46 21.08 26.73 -13.58
C PRO A 46 19.57 26.57 -13.88
N PHE A 47 19.16 25.59 -14.68
CA PHE A 47 17.78 25.50 -15.25
C PHE A 47 16.92 24.45 -14.52
N TYR A 48 17.53 23.61 -13.69
CA TYR A 48 16.91 22.76 -12.64
C TYR A 48 16.26 21.56 -13.31
N ALA A 49 15.21 21.77 -14.09
CA ALA A 49 14.64 20.74 -14.98
C ALA A 49 15.62 20.52 -16.13
N ALA A 50 15.57 19.34 -16.71
CA ALA A 50 16.52 18.83 -17.71
C ALA A 50 15.85 17.65 -18.38
N LEU A 51 16.53 17.05 -19.37
CA LEU A 51 16.20 15.70 -19.89
C LEU A 51 15.58 14.86 -18.75
N GLY A 52 14.36 14.33 -18.93
CA GLY A 52 13.59 13.62 -17.90
C GLY A 52 12.43 14.47 -17.39
N GLY A 53 12.63 15.78 -17.32
CA GLY A 53 11.63 16.79 -16.95
C GLY A 53 11.66 17.12 -15.48
N THR A 54 10.62 17.81 -15.01
CA THR A 54 10.53 18.41 -13.67
C THR A 54 10.42 17.27 -12.65
N CYS A 55 9.60 16.28 -12.96
CA CYS A 55 9.35 15.16 -12.04
C CYS A 55 10.69 14.48 -11.71
N VAL A 56 11.44 14.07 -12.74
CA VAL A 56 12.74 13.35 -12.61
C VAL A 56 13.77 14.21 -11.87
N ASN A 57 13.93 15.48 -12.25
CA ASN A 57 15.08 16.33 -11.85
C ASN A 57 14.79 17.04 -10.52
N VAL A 58 13.63 17.69 -10.38
CA VAL A 58 13.29 18.56 -9.22
C VAL A 58 11.81 18.39 -8.85
N GLY A 59 11.33 17.14 -8.78
CA GLY A 59 9.91 16.82 -8.57
C GLY A 59 9.71 15.48 -7.88
N CYS A 60 8.79 14.66 -8.43
CA CYS A 60 8.26 13.47 -7.74
C CYS A 60 9.45 12.64 -7.22
N VAL A 61 10.44 12.43 -8.09
CA VAL A 61 11.52 11.41 -7.91
C VAL A 61 12.38 11.80 -6.72
N PRO A 62 13.11 12.93 -6.76
CA PRO A 62 13.91 13.36 -5.62
C PRO A 62 13.09 13.61 -4.36
N LYS A 63 11.93 14.27 -4.48
CA LYS A 63 10.99 14.54 -3.36
C LYS A 63 10.70 13.22 -2.64
N LYS A 64 10.34 12.18 -3.39
CA LYS A 64 9.92 10.90 -2.76
C LYS A 64 11.12 10.30 -2.02
N LEU A 65 12.30 10.33 -2.64
CA LEU A 65 13.53 9.82 -1.95
C LEU A 65 13.73 10.59 -0.65
N MET A 66 13.50 11.90 -0.69
CA MET A 66 13.74 12.78 0.48
C MET A 66 12.67 12.58 1.54
N VAL A 67 11.40 12.42 1.13
CA VAL A 67 10.32 12.06 2.08
C VAL A 67 10.64 10.70 2.70
N THR A 68 11.07 9.71 1.91
CA THR A 68 11.50 8.39 2.45
C THR A 68 12.59 8.60 3.52
N GLY A 69 13.61 9.40 3.22
CA GLY A 69 14.66 9.75 4.21
C GLY A 69 14.02 10.31 5.47
N ALA A 70 13.11 11.27 5.30
CA ALA A 70 12.47 11.95 6.44
C ALA A 70 11.67 10.96 7.28
N GLN A 71 11.13 9.92 6.65
CA GLN A 71 10.30 8.91 7.35
C GLN A 71 11.11 8.25 8.46
N TYR A 72 12.42 8.12 8.31
CA TYR A 72 13.26 7.40 9.30
C TYR A 72 13.20 8.09 10.65
N MET A 73 12.92 9.41 10.72
CA MET A 73 12.73 10.05 12.04
C MET A 73 11.58 9.37 12.79
N ASP A 74 10.50 9.08 12.08
CA ASP A 74 9.34 8.40 12.68
C ASP A 74 9.70 6.95 13.02
N HIS A 75 10.38 6.23 12.12
CA HIS A 75 10.77 4.81 12.29
C HIS A 75 11.61 4.62 13.57
N LEU A 76 12.64 5.46 13.79
CA LEU A 76 13.52 5.36 14.99
C LEU A 76 12.67 5.50 16.24
N ARG A 77 11.87 6.57 16.31
CA ARG A 77 11.02 6.89 17.48
C ARG A 77 10.06 5.72 17.69
N GLU A 78 9.48 5.21 16.60
CA GLU A 78 8.41 4.19 16.67
C GLU A 78 8.98 2.81 17.01
N SER A 79 10.22 2.54 16.61
CA SER A 79 10.85 1.22 16.81
C SER A 79 10.84 0.87 18.30
N ALA A 80 10.92 1.87 19.20
CA ALA A 80 11.12 1.66 20.66
C ALA A 80 9.94 0.86 21.19
N GLY A 81 8.71 1.17 20.74
CA GLY A 81 7.50 0.44 21.13
C GLY A 81 7.58 -1.04 20.80
N PHE A 82 8.38 -1.44 19.81
CA PHE A 82 8.48 -2.84 19.35
C PHE A 82 9.73 -3.49 19.98
N GLY A 83 10.35 -2.78 20.94
CA GLY A 83 11.49 -3.29 21.73
C GLY A 83 12.83 -2.90 21.14
N TRP A 84 12.89 -2.03 20.13
CA TRP A 84 14.21 -1.62 19.62
C TRP A 84 14.80 -0.64 20.63
N GLU A 85 16.05 -0.91 21.03
CA GLU A 85 16.77 -0.17 22.08
C GLU A 85 17.97 0.52 21.43
N PHE A 86 18.29 1.73 21.89
CA PHE A 86 19.40 2.56 21.35
C PHE A 86 19.63 3.74 22.30
N ASP A 87 20.74 4.46 22.09
CA ASP A 87 20.97 5.80 22.65
C ASP A 87 20.41 6.80 21.63
N GLY A 88 19.26 7.41 21.94
CA GLY A 88 18.64 8.47 21.13
C GLY A 88 19.56 9.68 21.00
N SER A 89 20.62 9.73 21.82
CA SER A 89 21.58 10.88 21.83
C SER A 89 22.55 10.82 20.64
N SER A 90 22.89 9.64 20.10
CA SER A 90 23.83 9.47 18.96
C SER A 90 23.17 9.73 17.58
N VAL A 91 21.84 9.94 17.52
CA VAL A 91 21.09 10.03 16.23
C VAL A 91 21.38 11.37 15.56
N LYS A 92 21.92 11.36 14.34
CA LYS A 92 22.11 12.58 13.50
C LYS A 92 21.46 12.30 12.14
N ALA A 93 20.83 13.32 11.56
CA ALA A 93 20.28 13.24 10.19
C ALA A 93 21.22 14.00 9.28
N ASN A 94 21.96 13.28 8.47
CA ASN A 94 23.01 13.87 7.59
C ASN A 94 22.35 14.18 6.24
N TRP A 95 21.91 15.43 6.15
CA TRP A 95 21.26 16.04 4.96
C TRP A 95 22.20 15.94 3.76
N LYS A 96 23.47 16.23 3.94
CA LYS A 96 24.46 16.25 2.83
C LYS A 96 24.50 14.87 2.15
N LYS A 97 24.49 13.80 2.95
N LYS A 97 24.47 13.79 2.94
CA LYS A 97 24.47 12.40 2.44
CA LYS A 97 24.48 12.40 2.39
C LYS A 97 23.18 12.22 1.63
C LYS A 97 23.17 12.19 1.63
N LEU A 98 22.03 12.63 2.18
CA LEU A 98 20.71 12.48 1.51
C LEU A 98 20.77 13.16 0.15
N ILE A 99 21.27 14.39 0.12
CA ILE A 99 21.31 15.20 -1.14
C ILE A 99 22.25 14.53 -2.13
N ALA A 100 23.41 14.02 -1.70
CA ALA A 100 24.38 13.38 -2.61
C ALA A 100 23.78 12.09 -3.17
N ALA A 101 23.07 11.32 -2.34
CA ALA A 101 22.38 10.08 -2.78
C ALA A 101 21.31 10.44 -3.82
N LYS A 102 20.46 11.42 -3.49
CA LYS A 102 19.41 11.90 -4.43
C LYS A 102 20.08 12.32 -5.74
N ASN A 103 21.18 13.05 -5.67
CA ASN A 103 21.84 13.59 -6.88
C ASN A 103 22.29 12.43 -7.76
N GLU A 104 22.90 11.42 -7.14
CA GLU A 104 23.40 10.24 -7.89
C GLU A 104 22.22 9.54 -8.54
N ALA A 105 21.10 9.38 -7.82
CA ALA A 105 19.92 8.66 -8.32
C ALA A 105 19.36 9.43 -9.53
N VAL A 106 19.19 10.75 -9.40
CA VAL A 106 18.66 11.59 -10.49
C VAL A 106 19.63 11.56 -11.68
N LEU A 107 20.93 11.69 -11.45
CA LEU A 107 21.92 11.68 -12.56
C LEU A 107 21.79 10.38 -13.35
N ASP A 108 21.68 9.24 -12.67
CA ASP A 108 21.57 7.93 -13.37
C ASP A 108 20.34 7.94 -14.28
N ILE A 109 19.23 8.53 -13.83
CA ILE A 109 18.01 8.63 -14.70
C ILE A 109 18.34 9.54 -15.89
N ASN A 110 18.96 10.68 -15.65
CA ASN A 110 19.39 11.59 -16.75
C ASN A 110 20.15 10.76 -17.78
N LYS A 111 21.06 9.89 -17.31
CA LYS A 111 21.95 9.14 -18.24
C LYS A 111 21.12 8.06 -18.90
N SER A 112 20.13 7.52 -18.21
CA SER A 112 19.20 6.52 -18.76
C SER A 112 18.54 7.09 -20.03
N TYR A 113 18.08 8.34 -19.96
CA TYR A 113 17.34 8.97 -21.09
C TYR A 113 18.31 9.26 -22.23
N GLU A 114 19.55 9.60 -21.88
CA GLU A 114 20.57 9.87 -22.92
C GLU A 114 20.72 8.61 -23.77
N GLY A 115 20.87 7.44 -23.14
CA GLY A 115 21.02 6.15 -23.84
C GLY A 115 19.81 5.88 -24.71
N MET A 116 18.62 6.14 -24.15
CA MET A 116 17.33 6.00 -24.87
C MET A 116 17.42 6.73 -26.20
N PHE A 117 17.82 8.02 -26.22
CA PHE A 117 17.85 8.85 -27.46
C PHE A 117 18.84 8.29 -28.50
N ASN A 118 20.04 7.92 -28.06
CA ASN A 118 21.13 7.44 -28.96
C ASN A 118 20.72 6.08 -29.53
N ASP A 119 20.26 5.19 -28.67
CA ASP A 119 19.90 3.80 -29.04
C ASP A 119 18.74 3.80 -30.06
N THR A 120 17.91 4.84 -30.07
CA THR A 120 16.59 4.82 -30.74
C THR A 120 16.66 5.54 -32.09
N GLU A 121 16.36 4.82 -33.17
CA GLU A 121 16.43 5.35 -34.54
C GLU A 121 15.38 6.47 -34.70
N GLY A 122 15.81 7.64 -35.16
CA GLY A 122 14.97 8.76 -35.61
C GLY A 122 14.39 9.53 -34.44
N LEU A 123 14.85 9.21 -33.24
CA LEU A 123 14.53 9.96 -32.00
C LEU A 123 15.77 10.75 -31.61
N ASP A 124 15.80 12.05 -31.88
CA ASP A 124 17.03 12.85 -31.66
C ASP A 124 16.72 13.92 -30.62
N PHE A 125 17.66 14.09 -29.68
CA PHE A 125 17.69 15.15 -28.66
C PHE A 125 18.48 16.35 -29.19
N PHE A 126 17.93 17.55 -29.02
CA PHE A 126 18.56 18.85 -29.33
C PHE A 126 18.59 19.65 -28.02
N LEU A 127 19.78 20.14 -27.66
CA LEU A 127 20.03 20.95 -26.45
C LEU A 127 19.83 22.40 -26.81
N GLY A 128 19.21 23.15 -25.92
CA GLY A 128 18.89 24.55 -26.15
C GLY A 128 17.41 24.81 -25.94
N TRP A 129 17.02 26.02 -26.33
CA TRP A 129 15.71 26.63 -26.02
C TRP A 129 14.82 26.57 -27.27
N GLY A 130 13.72 25.84 -27.18
CA GLY A 130 12.68 25.78 -28.22
C GLY A 130 11.81 27.02 -28.18
N SER A 131 11.51 27.56 -29.36
CA SER A 131 10.46 28.59 -29.62
C SER A 131 9.83 28.30 -30.99
N LEU A 132 8.65 28.86 -31.22
CA LEU A 132 7.91 28.79 -32.52
C LEU A 132 8.32 29.99 -33.38
N GLU A 133 8.93 29.70 -34.51
CA GLU A 133 9.18 30.69 -35.59
C GLU A 133 7.91 30.83 -36.42
N SER A 134 7.37 29.67 -36.85
CA SER A 134 6.22 29.53 -37.77
C SER A 134 5.49 28.20 -37.55
N LYS A 135 4.25 28.10 -38.08
CA LYS A 135 3.36 26.91 -38.04
C LYS A 135 4.17 25.61 -37.96
N ASN A 136 5.27 25.51 -38.72
CA ASN A 136 5.90 24.20 -39.01
C ASN A 136 7.42 24.24 -38.79
N VAL A 137 7.91 25.28 -38.12
CA VAL A 137 9.36 25.46 -37.86
C VAL A 137 9.58 25.78 -36.38
N VAL A 138 10.32 24.91 -35.70
CA VAL A 138 10.84 25.18 -34.33
C VAL A 138 12.29 25.58 -34.50
N VAL A 139 12.68 26.66 -33.82
CA VAL A 139 14.10 27.13 -33.77
C VAL A 139 14.63 26.81 -32.38
N VAL A 140 15.81 26.18 -32.30
CA VAL A 140 16.54 25.95 -31.02
C VAL A 140 17.61 27.04 -30.91
N ARG A 141 17.53 27.85 -29.86
CA ARG A 141 18.47 28.95 -29.57
C ARG A 141 19.38 28.58 -28.39
N GLU A 142 20.46 29.34 -28.18
CA GLU A 142 21.45 29.09 -27.09
C GLU A 142 20.85 29.51 -25.76
N THR A 143 20.09 30.60 -25.73
CA THR A 143 19.45 31.07 -24.46
C THR A 143 17.95 31.25 -24.68
N ALA A 144 17.29 31.66 -23.59
CA ALA A 144 15.85 31.95 -23.49
C ALA A 144 15.56 33.28 -24.18
N ASP A 145 16.62 34.06 -24.45
CA ASP A 145 16.53 35.32 -25.23
C ASP A 145 16.19 34.96 -26.68
N PRO A 146 15.10 35.51 -27.26
CA PRO A 146 14.80 35.29 -28.68
C PRO A 146 15.92 35.74 -29.63
N LYS A 147 16.83 36.59 -29.14
CA LYS A 147 17.90 37.25 -29.93
C LYS A 147 19.15 36.37 -30.00
N SER A 148 19.23 35.26 -29.25
CA SER A 148 20.46 34.44 -29.12
C SER A 148 20.67 33.61 -30.39
N ALA A 149 21.85 33.01 -30.54
CA ALA A 149 22.27 32.22 -31.72
C ALA A 149 21.28 31.07 -31.99
N VAL A 150 20.97 30.81 -33.25
CA VAL A 150 20.17 29.63 -33.69
C VAL A 150 21.10 28.41 -33.75
N LYS A 151 20.98 27.48 -32.81
CA LYS A 151 21.73 26.20 -32.86
C LYS A 151 21.13 25.34 -33.98
N GLU A 152 19.79 25.40 -34.15
CA GLU A 152 19.06 24.54 -35.11
C GLU A 152 17.74 25.18 -35.55
N ARG A 153 17.34 24.81 -36.76
CA ARG A 153 16.00 25.05 -37.37
C ARG A 153 15.42 23.65 -37.64
N LEU A 154 14.23 23.39 -37.09
CA LEU A 154 13.58 22.07 -37.15
C LEU A 154 12.26 22.20 -37.91
N GLN A 155 12.14 21.46 -39.01
CA GLN A 155 10.93 21.33 -39.85
C GLN A 155 10.04 20.26 -39.21
N ALA A 156 8.76 20.59 -39.02
CA ALA A 156 7.81 19.85 -38.15
C ALA A 156 6.45 19.69 -38.82
N ASP A 157 6.09 18.49 -39.26
CA ASP A 157 4.71 18.14 -39.69
C ASP A 157 3.76 18.37 -38.50
N HIS A 158 4.26 18.19 -37.27
CA HIS A 158 3.52 18.37 -35.99
C HIS A 158 4.43 18.89 -34.88
N ILE A 159 3.97 19.90 -34.14
CA ILE A 159 4.73 20.49 -32.99
C ILE A 159 4.00 20.21 -31.67
N LEU A 160 4.69 19.60 -30.70
CA LEU A 160 4.16 19.39 -29.32
C LEU A 160 4.88 20.30 -28.33
N LEU A 161 4.11 21.15 -27.65
CA LEU A 161 4.55 22.00 -26.52
C LEU A 161 4.35 21.24 -25.19
N ALA A 162 5.45 20.93 -24.50
CA ALA A 162 5.48 20.16 -23.23
C ALA A 162 6.54 20.77 -22.32
N THR A 163 6.46 22.07 -22.10
CA THR A 163 7.53 22.85 -21.41
C THR A 163 7.24 22.88 -19.92
N GLY A 164 6.15 22.23 -19.49
CA GLY A 164 5.69 22.16 -18.10
C GLY A 164 5.49 23.52 -17.45
N SER A 165 5.86 23.63 -16.17
CA SER A 165 5.56 24.77 -15.28
C SER A 165 6.81 25.21 -14.52
N TRP A 166 6.65 26.14 -13.60
CA TRP A 166 7.79 26.83 -12.96
C TRP A 166 7.26 27.52 -11.72
N PRO A 167 8.03 27.58 -10.63
CA PRO A 167 7.50 28.12 -9.39
C PRO A 167 7.15 29.59 -9.57
N GLN A 168 6.00 30.01 -9.03
CA GLN A 168 5.61 31.42 -8.91
C GLN A 168 6.20 31.96 -7.61
N MET A 169 6.85 33.12 -7.68
CA MET A 169 7.50 33.80 -6.52
C MET A 169 6.76 35.10 -6.28
N PRO A 170 6.06 35.28 -5.15
CA PRO A 170 5.27 36.49 -4.97
C PRO A 170 6.20 37.72 -5.05
N ALA A 171 5.71 38.80 -5.70
CA ALA A 171 6.52 39.99 -6.00
C ALA A 171 6.51 40.86 -4.74
N ILE A 172 7.17 40.38 -3.70
CA ILE A 172 7.24 41.08 -2.38
C ILE A 172 8.66 41.58 -2.22
N PRO A 173 8.89 42.66 -1.44
CA PRO A 173 10.26 43.12 -1.19
C PRO A 173 11.07 42.06 -0.45
N GLY A 174 12.24 41.70 -0.99
CA GLY A 174 13.15 40.66 -0.45
C GLY A 174 12.84 39.24 -0.96
N ILE A 175 12.01 39.11 -1.99
CA ILE A 175 11.74 37.80 -2.66
C ILE A 175 13.08 37.18 -3.10
N GLU A 176 14.11 37.99 -3.38
CA GLU A 176 15.44 37.48 -3.81
C GLU A 176 16.17 36.76 -2.66
N HIS A 177 15.68 36.87 -1.42
CA HIS A 177 16.24 36.15 -0.25
C HIS A 177 15.59 34.77 -0.13
N CYS A 178 14.51 34.53 -0.89
CA CYS A 178 13.66 33.31 -0.80
C CYS A 178 14.08 32.32 -1.88
N ILE A 179 13.71 31.06 -1.67
CA ILE A 179 13.97 29.99 -2.66
C ILE A 179 12.62 29.41 -3.09
N SER A 180 12.67 28.58 -4.12
CA SER A 180 11.57 27.67 -4.51
C SER A 180 12.01 26.24 -4.19
N SER A 181 11.17 25.29 -4.54
CA SER A 181 11.45 23.86 -4.44
C SER A 181 12.71 23.59 -5.25
N ASN A 182 12.96 24.33 -6.34
CA ASN A 182 14.13 24.11 -7.21
C ASN A 182 15.40 24.15 -6.37
N GLU A 183 15.55 25.18 -5.52
CA GLU A 183 16.77 25.41 -4.71
C GLU A 183 16.73 24.50 -3.49
N ALA A 184 15.53 24.17 -3.00
CA ALA A 184 15.38 23.31 -1.80
C ALA A 184 16.15 22.01 -2.05
N PHE A 185 16.11 21.47 -3.27
CA PHE A 185 16.78 20.20 -3.65
C PHE A 185 18.31 20.29 -3.52
N TYR A 186 18.87 21.48 -3.40
CA TYR A 186 20.34 21.63 -3.52
C TYR A 186 20.89 22.41 -2.32
N LEU A 187 20.08 22.66 -1.32
CA LEU A 187 20.61 23.37 -0.14
C LEU A 187 21.84 22.63 0.33
N PRO A 188 22.99 23.31 0.55
CA PRO A 188 24.21 22.62 1.01
C PRO A 188 24.09 22.13 2.46
N GLU A 189 23.20 22.74 3.25
CA GLU A 189 22.98 22.42 4.67
C GLU A 189 21.49 22.43 4.98
N PRO A 190 21.02 21.59 5.91
CA PRO A 190 19.60 21.54 6.25
C PRO A 190 19.29 22.78 7.08
N PRO A 191 18.22 23.54 6.81
CA PRO A 191 17.89 24.71 7.63
C PRO A 191 17.50 24.32 9.05
N ARG A 192 17.97 25.11 10.02
CA ARG A 192 17.58 24.96 11.44
C ARG A 192 16.15 25.46 11.56
N ARG A 193 15.88 26.60 10.93
CA ARG A 193 14.54 27.23 10.93
C ARG A 193 14.13 27.45 9.49
N VAL A 194 12.95 26.97 9.13
CA VAL A 194 12.46 27.17 7.75
C VAL A 194 10.99 27.55 7.78
N LEU A 195 10.64 28.44 6.85
CA LEU A 195 9.25 28.82 6.56
C LEU A 195 8.93 28.28 5.18
N THR A 196 8.02 27.33 5.11
CA THR A 196 7.51 26.87 3.79
C THR A 196 6.23 27.68 3.56
N VAL A 197 6.19 28.38 2.43
CA VAL A 197 5.04 29.27 2.14
C VAL A 197 4.14 28.56 1.14
N GLY A 198 2.91 28.30 1.55
CA GLY A 198 1.88 27.63 0.75
C GLY A 198 1.21 26.53 1.54
N GLY A 199 0.00 26.17 1.13
CA GLY A 199 -0.84 25.16 1.78
C GLY A 199 -1.05 23.96 0.86
N GLY A 200 -0.33 23.89 -0.25
CA GLY A 200 -0.46 22.79 -1.21
C GLY A 200 0.58 21.71 -0.94
N PHE A 201 0.57 20.67 -1.76
CA PHE A 201 1.32 19.41 -1.52
C PHE A 201 2.81 19.71 -1.39
N ILE A 202 3.35 20.64 -2.16
CA ILE A 202 4.82 20.89 -2.21
C ILE A 202 5.30 21.50 -0.90
N SER A 203 4.57 22.47 -0.37
CA SER A 203 4.83 23.11 0.95
C SER A 203 4.74 22.04 2.04
N VAL A 204 3.66 21.23 2.02
CA VAL A 204 3.38 20.20 3.04
C VAL A 204 4.50 19.13 2.98
N GLU A 205 4.86 18.66 1.80
CA GLU A 205 5.89 17.60 1.66
C GLU A 205 7.23 18.10 2.19
N PHE A 206 7.61 19.31 1.81
CA PHE A 206 8.91 19.93 2.16
C PHE A 206 8.95 20.22 3.66
N ALA A 207 7.84 20.62 4.27
CA ALA A 207 7.81 20.86 5.72
C ALA A 207 8.17 19.55 6.40
N GLY A 208 7.62 18.43 5.89
CA GLY A 208 7.92 17.10 6.41
C GLY A 208 9.40 16.79 6.32
N ILE A 209 9.99 17.04 5.16
CA ILE A 209 11.40 16.72 4.87
C ILE A 209 12.27 17.54 5.84
N PHE A 210 12.04 18.85 5.91
CA PHE A 210 12.90 19.76 6.70
C PHE A 210 12.78 19.38 8.18
N ASN A 211 11.59 18.95 8.56
CA ASN A 211 11.25 18.63 9.95
C ASN A 211 12.12 17.47 10.42
N ALA A 212 12.40 16.53 9.52
CA ALA A 212 13.17 15.30 9.86
C ALA A 212 14.67 15.63 9.86
N TYR A 213 15.13 16.54 9.01
CA TYR A 213 16.58 16.76 8.78
C TYR A 213 17.08 17.98 9.55
N LYS A 214 16.22 18.70 10.26
CA LYS A 214 16.62 19.97 10.93
C LYS A 214 17.69 19.67 11.98
N PRO A 215 18.70 20.52 12.14
CA PRO A 215 19.62 20.39 13.27
C PRO A 215 18.92 20.62 14.62
N PRO A 216 19.60 20.33 15.75
CA PRO A 216 18.97 20.45 17.07
C PRO A 216 18.43 21.86 17.34
N GLY A 217 17.32 21.94 18.06
CA GLY A 217 16.58 23.19 18.31
C GLY A 217 16.15 23.84 17.01
N GLY A 218 15.87 23.02 15.98
CA GLY A 218 15.36 23.48 14.68
C GLY A 218 13.86 23.68 14.77
N LYS A 219 13.29 24.41 13.82
CA LYS A 219 11.81 24.60 13.79
C LYS A 219 11.35 24.78 12.35
N VAL A 220 10.37 23.97 11.95
CA VAL A 220 9.71 24.08 10.63
C VAL A 220 8.37 24.79 10.86
N THR A 221 8.17 25.90 10.16
CA THR A 221 6.91 26.68 10.14
C THR A 221 6.35 26.62 8.73
N LEU A 222 5.11 26.19 8.60
CA LEU A 222 4.40 26.27 7.30
C LEU A 222 3.36 27.38 7.43
N CYS A 223 3.37 28.40 6.56
CA CYS A 223 2.28 29.41 6.54
C CYS A 223 1.36 29.16 5.35
N TYR A 224 0.06 29.45 5.51
CA TYR A 224 -0.90 29.41 4.39
C TYR A 224 -1.85 30.60 4.49
N ARG A 225 -2.07 31.28 3.36
CA ARG A 225 -2.78 32.59 3.36
C ARG A 225 -4.23 32.37 3.80
N ASN A 226 -4.81 31.17 3.70
CA ASN A 226 -6.21 30.96 4.17
C ASN A 226 -6.22 30.07 5.40
N ASN A 227 -7.40 29.52 5.72
CA ASN A 227 -7.75 28.98 7.05
C ASN A 227 -7.37 27.51 7.24
N LEU A 228 -7.16 26.75 6.15
CA LEU A 228 -7.01 25.27 6.18
C LEU A 228 -6.20 24.82 4.96
N ILE A 229 -5.09 24.12 5.20
CA ILE A 229 -4.12 23.74 4.12
C ILE A 229 -4.83 22.74 3.20
N LEU A 230 -4.23 22.48 2.03
CA LEU A 230 -4.61 21.39 1.09
C LEU A 230 -6.05 21.58 0.59
N ARG A 231 -6.33 22.80 0.13
CA ARG A 231 -7.57 23.06 -0.63
C ARG A 231 -7.68 21.99 -1.72
N GLY A 232 -8.89 21.49 -1.90
CA GLY A 232 -9.26 20.55 -2.97
C GLY A 232 -9.19 19.12 -2.49
N PHE A 233 -8.49 18.87 -1.36
CA PHE A 233 -8.48 17.55 -0.69
C PHE A 233 -9.73 17.44 0.18
N ASP A 234 -10.06 16.21 0.56
CA ASP A 234 -11.17 15.88 1.48
C ASP A 234 -11.01 16.69 2.77
N GLU A 235 -12.10 17.24 3.30
CA GLU A 235 -11.98 18.21 4.43
C GLU A 235 -11.49 17.49 5.69
N THR A 236 -12.00 16.28 5.96
CA THR A 236 -11.58 15.50 7.14
C THR A 236 -10.05 15.33 7.07
N ILE A 237 -9.56 14.98 5.88
CA ILE A 237 -8.11 14.72 5.70
C ILE A 237 -7.32 16.01 5.89
N ARG A 238 -7.82 17.15 5.38
CA ARG A 238 -7.10 18.43 5.51
C ARG A 238 -6.91 18.75 7.01
N GLU A 239 -7.96 18.58 7.80
CA GLU A 239 -7.93 18.87 9.25
C GLU A 239 -7.01 17.84 9.94
N GLU A 240 -7.07 16.58 9.53
CA GLU A 240 -6.24 15.53 10.16
C GLU A 240 -4.75 15.70 9.88
N VAL A 241 -4.38 15.94 8.62
N VAL A 241 -4.37 15.96 8.62
CA VAL A 241 -2.96 16.16 8.21
CA VAL A 241 -2.94 16.13 8.24
C VAL A 241 -2.42 17.32 9.03
C VAL A 241 -2.39 17.34 9.02
N THR A 242 -3.22 18.39 9.15
CA THR A 242 -2.86 19.60 9.94
C THR A 242 -2.52 19.17 11.37
N LYS A 243 -3.37 18.36 12.00
CA LYS A 243 -3.14 17.86 13.38
C LYS A 243 -1.86 17.01 13.41
N GLN A 244 -1.68 16.13 12.42
CA GLN A 244 -0.64 15.08 12.49
C GLN A 244 0.70 15.76 12.20
N LEU A 245 0.74 16.80 11.35
CA LEU A 245 1.95 17.60 11.12
C LEU A 245 2.28 18.36 12.42
N THR A 246 1.26 18.92 13.08
CA THR A 246 1.40 19.68 14.35
C THR A 246 1.94 18.71 15.39
N ALA A 247 1.37 17.51 15.45
CA ALA A 247 1.78 16.48 16.44
C ALA A 247 3.26 16.10 16.23
N ASN A 248 3.82 16.33 15.04
CA ASN A 248 5.22 15.94 14.74
C ASN A 248 6.15 17.16 14.80
N GLY A 249 5.70 18.29 15.36
CA GLY A 249 6.53 19.46 15.68
C GLY A 249 6.51 20.54 14.61
N ILE A 250 5.71 20.39 13.57
CA ILE A 250 5.62 21.43 12.51
C ILE A 250 4.58 22.45 13.00
N GLU A 251 4.93 23.74 12.92
CA GLU A 251 4.04 24.88 13.31
C GLU A 251 3.30 25.31 12.05
N ILE A 252 1.97 25.18 12.05
CA ILE A 252 1.07 25.57 10.93
C ILE A 252 0.52 26.98 11.21
N MET A 253 1.00 28.02 10.50
CA MET A 253 0.45 29.40 10.57
C MET A 253 -0.58 29.57 9.44
N THR A 254 -1.85 29.43 9.74
CA THR A 254 -2.97 29.67 8.80
C THR A 254 -3.37 31.14 8.87
N ASN A 255 -4.03 31.63 7.83
CA ASN A 255 -4.45 33.05 7.69
C ASN A 255 -3.22 33.95 7.80
N GLU A 256 -2.06 33.50 7.30
CA GLU A 256 -0.81 34.31 7.33
C GLU A 256 -0.09 34.23 5.99
N ASN A 257 0.58 35.31 5.63
CA ASN A 257 1.22 35.47 4.31
C ASN A 257 2.36 36.46 4.46
N PRO A 258 3.60 36.12 4.03
CA PRO A 258 4.69 37.06 4.03
C PRO A 258 4.36 38.33 3.22
N ALA A 259 4.76 39.49 3.75
CA ALA A 259 4.63 40.84 3.13
C ALA A 259 6.02 41.27 2.65
N LYS A 260 7.07 40.92 3.41
CA LYS A 260 8.45 41.14 2.93
C LYS A 260 9.44 40.32 3.73
N VAL A 261 10.63 40.21 3.17
CA VAL A 261 11.79 39.53 3.79
C VAL A 261 12.96 40.51 3.68
N SER A 262 13.75 40.63 4.75
CA SER A 262 15.09 41.29 4.79
C SER A 262 16.13 40.29 5.31
N LEU A 263 17.37 40.37 4.82
CA LEU A 263 18.51 39.69 5.47
C LEU A 263 18.81 40.40 6.80
N ASN A 264 18.81 39.63 7.89
CA ASN A 264 19.58 39.97 9.13
C ASN A 264 21.07 39.92 8.79
N THR A 265 21.90 40.59 9.60
CA THR A 265 23.37 40.74 9.38
C THR A 265 24.07 39.37 9.49
N ASP A 266 23.47 38.38 10.17
CA ASP A 266 24.04 37.01 10.28
C ASP A 266 23.68 36.13 9.06
N GLY A 267 22.92 36.68 8.10
CA GLY A 267 22.56 36.00 6.83
C GLY A 267 21.20 35.33 6.90
N SER A 268 20.59 35.29 8.09
CA SER A 268 19.23 34.73 8.33
C SER A 268 18.21 35.69 7.72
N LYS A 269 16.95 35.27 7.66
CA LYS A 269 15.86 35.96 6.95
C LYS A 269 14.87 36.48 7.98
N HIS A 270 14.65 37.80 7.99
CA HIS A 270 13.60 38.44 8.78
C HIS A 270 12.35 38.53 7.91
N VAL A 271 11.35 37.69 8.21
CA VAL A 271 10.06 37.61 7.48
C VAL A 271 9.06 38.49 8.23
N THR A 272 8.43 39.42 7.51
CA THR A 272 7.28 40.20 8.03
C THR A 272 6.00 39.80 7.28
N PHE A 273 5.00 39.35 8.02
CA PHE A 273 3.70 38.90 7.49
C PHE A 273 2.81 40.12 7.28
N GLU A 274 1.84 40.01 6.38
CA GLU A 274 0.73 40.99 6.21
C GLU A 274 0.10 41.33 7.57
N SER A 275 -0.06 40.34 8.46
CA SER A 275 -0.68 40.54 9.79
C SER A 275 0.18 41.43 10.69
N GLY A 276 1.45 41.69 10.32
CA GLY A 276 2.40 42.43 11.15
C GLY A 276 3.35 41.53 11.93
N LYS A 277 3.00 40.25 12.11
CA LYS A 277 3.87 39.26 12.79
C LYS A 277 5.22 39.18 12.06
N THR A 278 6.26 38.80 12.80
CA THR A 278 7.61 38.55 12.26
C THR A 278 8.04 37.13 12.64
N LEU A 279 9.02 36.61 11.89
CA LEU A 279 9.64 35.30 12.16
C LEU A 279 11.03 35.36 11.54
N ASP A 280 12.03 34.89 12.28
CA ASP A 280 13.41 34.74 11.76
C ASP A 280 13.61 33.27 11.39
N VAL A 281 14.06 32.99 10.17
CA VAL A 281 14.29 31.61 9.68
C VAL A 281 15.55 31.63 8.86
N ASP A 282 16.12 30.45 8.62
CA ASP A 282 17.36 30.35 7.82
C ASP A 282 16.97 30.23 6.35
N VAL A 283 15.78 29.69 6.07
CA VAL A 283 15.27 29.48 4.69
C VAL A 283 13.78 29.86 4.64
N VAL A 284 13.43 30.60 3.56
CA VAL A 284 12.02 30.89 3.13
C VAL A 284 11.84 30.21 1.79
N MET A 285 11.08 29.11 1.80
CA MET A 285 10.79 28.37 0.56
C MET A 285 9.39 28.75 0.13
N MET A 286 9.29 29.38 -1.03
CA MET A 286 7.96 29.72 -1.61
C MET A 286 7.44 28.51 -2.37
N ALA A 287 6.23 28.09 -2.04
CA ALA A 287 5.50 27.00 -2.78
C ALA A 287 4.03 27.37 -2.88
N ILE A 288 3.75 28.53 -3.49
CA ILE A 288 2.40 29.16 -3.50
C ILE A 288 1.74 28.85 -4.84
N GLY A 289 2.45 28.18 -5.75
CA GLY A 289 1.84 27.82 -7.04
C GLY A 289 2.88 27.65 -8.09
N ARG A 290 2.49 26.99 -9.17
CA ARG A 290 3.37 26.82 -10.34
C ARG A 290 2.62 27.36 -11.54
N ILE A 291 3.34 27.87 -12.52
CA ILE A 291 2.69 28.55 -13.66
C ILE A 291 3.30 28.01 -14.93
N PRO A 292 2.45 27.89 -15.98
CA PRO A 292 2.87 27.27 -17.23
C PRO A 292 4.02 28.09 -17.84
N ARG A 293 4.97 27.37 -18.43
CA ARG A 293 6.18 27.93 -19.07
C ARG A 293 5.85 28.17 -20.55
N THR A 294 5.23 29.30 -20.84
CA THR A 294 4.73 29.68 -22.20
C THR A 294 5.57 30.82 -22.80
N ASN A 295 5.91 31.82 -22.00
CA ASN A 295 6.77 32.98 -22.42
C ASN A 295 7.75 32.58 -23.51
N ASP A 296 8.65 31.67 -23.18
CA ASP A 296 9.91 31.44 -23.92
C ASP A 296 9.63 30.73 -25.24
N LEU A 297 8.40 30.27 -25.46
CA LEU A 297 8.06 29.56 -26.72
C LEU A 297 7.70 30.55 -27.83
N GLN A 298 7.45 31.82 -27.46
CA GLN A 298 7.13 32.90 -28.42
C GLN A 298 5.84 32.51 -29.14
N LEU A 299 4.73 32.44 -28.40
CA LEU A 299 3.45 31.95 -28.93
C LEU A 299 2.77 33.07 -29.73
N GLY A 300 3.21 34.32 -29.51
CA GLY A 300 2.85 35.51 -30.30
C GLY A 300 3.15 35.32 -31.78
N ASN A 301 4.22 34.58 -32.12
CA ASN A 301 4.72 34.38 -33.49
C ASN A 301 3.78 33.52 -34.33
N VAL A 302 2.98 32.62 -33.75
CA VAL A 302 2.05 31.75 -34.54
C VAL A 302 0.60 31.90 -34.06
N GLY A 303 0.34 32.70 -33.02
CA GLY A 303 -1.00 32.88 -32.45
C GLY A 303 -1.50 31.56 -31.89
N VAL A 304 -0.83 31.02 -30.86
CA VAL A 304 -1.38 29.93 -30.00
C VAL A 304 -2.12 30.63 -28.89
N LYS A 305 -3.39 30.28 -28.65
CA LYS A 305 -4.23 30.95 -27.63
C LYS A 305 -3.91 30.40 -26.23
N LEU A 306 -3.72 31.31 -25.26
CA LEU A 306 -3.55 31.07 -23.81
C LEU A 306 -4.87 31.35 -23.13
N THR A 307 -5.06 30.85 -21.91
CA THR A 307 -6.32 30.95 -21.13
C THR A 307 -6.26 32.20 -20.26
N PRO A 308 -7.39 32.63 -19.67
CA PRO A 308 -7.39 33.71 -18.69
C PRO A 308 -6.47 33.44 -17.48
N LYS A 309 -5.76 32.30 -17.47
CA LYS A 309 -4.82 31.91 -16.37
C LYS A 309 -3.41 31.66 -16.90
N GLY A 310 -3.17 31.78 -18.22
CA GLY A 310 -1.81 31.72 -18.81
C GLY A 310 -1.48 30.36 -19.43
N GLY A 311 -2.30 29.33 -19.16
CA GLY A 311 -2.11 27.97 -19.74
C GLY A 311 -2.50 27.92 -21.21
N VAL A 312 -1.74 27.17 -22.02
CA VAL A 312 -2.06 26.91 -23.44
C VAL A 312 -3.45 26.28 -23.50
N GLN A 313 -4.38 26.94 -24.19
CA GLN A 313 -5.77 26.44 -24.39
C GLN A 313 -5.67 25.21 -25.27
N VAL A 314 -6.37 24.14 -24.89
CA VAL A 314 -6.41 22.87 -25.68
C VAL A 314 -7.85 22.36 -25.64
N ASP A 315 -8.18 21.50 -26.61
CA ASP A 315 -9.42 20.71 -26.63
C ASP A 315 -9.08 19.38 -25.97
N GLU A 316 -10.01 18.43 -26.02
CA GLU A 316 -9.91 17.09 -25.38
C GLU A 316 -8.76 16.29 -26.01
N PHE A 317 -8.33 16.64 -27.22
CA PHE A 317 -7.30 15.94 -28.01
C PHE A 317 -5.95 16.69 -27.94
N SER A 318 -5.82 17.63 -27.01
CA SER A 318 -4.56 18.35 -26.74
C SER A 318 -4.24 19.28 -27.93
N ARG A 319 -5.23 19.58 -28.76
CA ARG A 319 -5.04 20.46 -29.95
C ARG A 319 -5.20 21.92 -29.52
N THR A 320 -4.22 22.74 -29.89
CA THR A 320 -4.27 24.23 -29.83
C THR A 320 -5.24 24.72 -30.92
N ASN A 321 -5.41 26.04 -31.03
CA ASN A 321 -6.16 26.68 -32.13
C ASN A 321 -5.38 26.54 -33.45
N VAL A 322 -4.09 26.19 -33.41
CA VAL A 322 -3.23 26.07 -34.62
C VAL A 322 -3.09 24.61 -35.00
N PRO A 323 -3.61 24.19 -36.17
CA PRO A 323 -3.47 22.80 -36.60
C PRO A 323 -1.99 22.39 -36.57
N ASN A 324 -1.70 21.11 -36.32
CA ASN A 324 -0.33 20.54 -36.25
C ASN A 324 0.38 20.92 -34.94
N ILE A 325 -0.14 21.87 -34.16
CA ILE A 325 0.45 22.31 -32.86
C ILE A 325 -0.44 21.84 -31.70
N TYR A 326 0.14 21.04 -30.78
CA TYR A 326 -0.53 20.45 -29.60
C TYR A 326 0.19 20.86 -28.32
N ALA A 327 -0.46 20.65 -27.18
CA ALA A 327 0.09 20.96 -25.84
C ALA A 327 -0.45 19.97 -24.80
N ILE A 328 0.47 19.40 -24.01
CA ILE A 328 0.13 18.45 -22.92
C ILE A 328 0.83 18.86 -21.63
N GLY A 329 0.40 18.25 -20.52
CA GLY A 329 1.05 18.41 -19.21
C GLY A 329 0.86 19.80 -18.66
N ASP A 330 1.79 20.24 -17.80
CA ASP A 330 1.57 21.38 -16.88
C ASP A 330 1.36 22.67 -17.69
N ILE A 331 1.90 22.78 -18.91
CA ILE A 331 1.71 23.99 -19.76
C ILE A 331 0.21 24.23 -19.98
N THR A 332 -0.63 23.17 -19.98
CA THR A 332 -2.09 23.32 -20.11
C THR A 332 -2.75 23.80 -18.80
N ASP A 333 -2.02 23.84 -17.67
CA ASP A 333 -2.50 24.43 -16.39
C ASP A 333 -3.81 23.79 -15.93
N ARG A 334 -3.85 22.46 -15.92
CA ARG A 334 -5.02 21.70 -15.42
C ARG A 334 -4.53 20.89 -14.23
N LEU A 335 -4.53 19.55 -14.35
N LEU A 335 -4.50 19.56 -14.36
CA LEU A 335 -3.95 18.64 -13.33
CA LEU A 335 -3.98 18.67 -13.30
C LEU A 335 -2.44 18.60 -13.56
C LEU A 335 -2.46 18.53 -13.50
N MET A 336 -1.67 19.17 -12.64
CA MET A 336 -0.19 19.17 -12.77
C MET A 336 0.34 17.88 -12.12
N LEU A 337 0.18 16.76 -12.84
CA LEU A 337 0.69 15.44 -12.41
C LEU A 337 1.43 14.78 -13.57
N THR A 338 2.52 14.08 -13.25
CA THR A 338 3.34 13.38 -14.23
C THR A 338 2.49 12.35 -14.99
N PRO A 339 1.75 11.43 -14.33
CA PRO A 339 1.02 10.39 -15.05
C PRO A 339 -0.07 10.94 -15.99
N VAL A 340 -0.60 12.11 -15.66
CA VAL A 340 -1.58 12.81 -16.53
C VAL A 340 -0.81 13.29 -17.76
N ALA A 341 0.32 13.97 -17.57
CA ALA A 341 1.17 14.44 -18.69
C ALA A 341 1.46 13.23 -19.58
N ILE A 342 1.85 12.11 -18.98
CA ILE A 342 2.27 10.90 -19.74
C ILE A 342 1.07 10.40 -20.53
N ASN A 343 -0.09 10.28 -19.88
CA ASN A 343 -1.33 9.82 -20.52
C ASN A 343 -1.66 10.70 -21.73
N GLU A 344 -1.60 12.01 -21.59
CA GLU A 344 -1.93 12.97 -22.66
C GLU A 344 -1.01 12.78 -23.86
N GLY A 345 0.30 12.64 -23.59
CA GLY A 345 1.31 12.38 -24.63
C GLY A 345 1.03 11.10 -25.39
N ALA A 346 0.77 9.99 -24.69
CA ALA A 346 0.46 8.66 -25.29
C ALA A 346 -0.80 8.79 -26.15
N ALA A 347 -1.82 9.49 -25.63
CA ALA A 347 -3.13 9.64 -26.29
C ALA A 347 -2.95 10.43 -27.58
N LEU A 348 -2.23 11.55 -27.50
CA LEU A 348 -1.97 12.48 -28.63
C LEU A 348 -1.34 11.70 -29.78
N VAL A 349 -0.33 10.90 -29.47
CA VAL A 349 0.48 10.16 -30.48
C VAL A 349 -0.37 9.02 -31.03
N ASP A 350 -1.19 8.37 -30.20
CA ASP A 350 -2.13 7.30 -30.69
C ASP A 350 -3.17 7.93 -31.62
N THR A 351 -3.60 9.15 -31.35
CA THR A 351 -4.58 9.89 -32.18
C THR A 351 -3.87 10.24 -33.49
N VAL A 352 -2.90 11.16 -33.42
CA VAL A 352 -2.24 11.79 -34.60
C VAL A 352 -1.49 10.74 -35.44
N PHE A 353 -0.67 9.87 -34.84
CA PHE A 353 0.25 8.98 -35.60
C PHE A 353 -0.33 7.56 -35.70
N GLY A 354 -1.11 7.11 -34.73
CA GLY A 354 -1.65 5.73 -34.67
C GLY A 354 -3.04 5.61 -35.29
N ASN A 355 -3.65 6.73 -35.70
CA ASN A 355 -5.02 6.72 -36.26
C ASN A 355 -5.97 6.02 -35.30
N LYS A 356 -5.77 6.19 -34.00
CA LYS A 356 -6.56 5.56 -32.93
C LYS A 356 -6.91 6.68 -31.97
N PRO A 357 -7.86 7.57 -32.33
CA PRO A 357 -8.15 8.72 -31.47
C PRO A 357 -8.52 8.26 -30.04
N ARG A 358 -7.94 8.94 -29.07
CA ARG A 358 -8.15 8.66 -27.62
C ARG A 358 -7.92 9.97 -26.88
N LYS A 359 -8.74 10.24 -25.88
CA LYS A 359 -8.69 11.47 -25.06
C LYS A 359 -8.39 11.05 -23.62
N THR A 360 -7.51 11.79 -22.97
CA THR A 360 -7.20 11.59 -21.53
C THR A 360 -8.49 11.87 -20.74
N ASP A 361 -8.82 10.97 -19.83
CA ASP A 361 -9.86 11.16 -18.79
C ASP A 361 -9.22 11.88 -17.60
N HIS A 362 -9.61 13.12 -17.37
CA HIS A 362 -9.07 13.93 -16.24
C HIS A 362 -9.96 13.72 -15.01
N THR A 363 -10.98 12.85 -15.08
CA THR A 363 -11.79 12.45 -13.88
C THR A 363 -11.20 11.18 -13.26
N ARG A 364 -11.37 11.03 -11.94
CA ARG A 364 -11.11 9.73 -11.28
C ARG A 364 -9.62 9.43 -11.40
N VAL A 365 -8.82 10.48 -11.33
CA VAL A 365 -7.34 10.31 -11.34
C VAL A 365 -6.89 10.08 -9.90
N ALA A 366 -6.25 8.96 -9.65
CA ALA A 366 -5.61 8.68 -8.34
C ALA A 366 -4.38 9.59 -8.22
N SER A 367 -4.16 10.16 -7.05
CA SER A 367 -2.98 11.01 -6.77
C SER A 367 -2.68 10.89 -5.29
N ALA A 368 -1.57 11.46 -4.87
CA ALA A 368 -1.09 11.28 -3.50
C ALA A 368 -0.40 12.55 -3.08
N VAL A 369 -0.29 12.70 -1.78
CA VAL A 369 0.59 13.69 -1.12
C VAL A 369 1.50 12.86 -0.20
N PHE A 370 2.82 12.92 -0.40
CA PHE A 370 3.81 12.26 0.49
C PHE A 370 4.10 13.17 1.68
N SER A 371 3.01 13.63 2.27
CA SER A 371 2.98 14.16 3.64
C SER A 371 3.30 12.99 4.55
N ILE A 372 3.73 13.29 5.77
CA ILE A 372 3.89 12.29 6.85
C ILE A 372 2.83 12.59 7.90
N PRO A 373 1.81 11.71 8.02
CA PRO A 373 1.62 10.57 7.11
C PRO A 373 0.94 10.96 5.79
N PRO A 374 0.93 10.05 4.78
CA PRO A 374 0.54 10.43 3.41
C PRO A 374 -0.95 10.34 3.09
N ILE A 375 -1.30 10.98 1.99
CA ILE A 375 -2.68 11.05 1.46
C ILE A 375 -2.70 10.26 0.16
N GLY A 376 -3.75 9.49 -0.04
CA GLY A 376 -4.08 8.86 -1.33
C GLY A 376 -5.52 9.15 -1.65
N THR A 377 -5.81 9.65 -2.84
CA THR A 377 -7.17 10.15 -3.19
C THR A 377 -7.47 9.86 -4.64
N CYS A 378 -8.74 9.60 -4.93
CA CYS A 378 -9.23 9.36 -6.30
C CYS A 378 -10.68 9.84 -6.34
N GLY A 379 -11.00 10.69 -7.30
CA GLY A 379 -12.37 11.12 -7.60
C GLY A 379 -12.79 12.26 -6.71
N LEU A 380 -14.10 12.43 -6.55
CA LEU A 380 -14.70 13.69 -6.05
C LEU A 380 -14.63 13.75 -4.53
N ILE A 381 -14.31 14.91 -4.01
CA ILE A 381 -14.60 15.21 -2.58
C ILE A 381 -16.11 15.48 -2.44
N GLU A 382 -16.65 15.20 -1.27
CA GLU A 382 -18.11 15.17 -1.01
C GLU A 382 -18.77 16.52 -1.35
N GLU A 383 -18.13 17.65 -1.07
CA GLU A 383 -18.71 19.02 -1.31
C GLU A 383 -18.99 19.19 -2.81
N VAL A 384 -18.06 18.67 -3.62
CA VAL A 384 -18.14 18.75 -5.09
C VAL A 384 -19.21 17.76 -5.57
N ALA A 385 -19.19 16.51 -5.09
CA ALA A 385 -20.21 15.47 -5.39
C ALA A 385 -21.63 16.01 -5.09
N ALA A 386 -21.77 16.71 -3.96
CA ALA A 386 -23.04 17.17 -3.34
C ALA A 386 -23.74 18.21 -4.23
N LYS A 387 -22.98 18.97 -5.00
CA LYS A 387 -23.51 19.98 -5.97
C LYS A 387 -23.95 19.29 -7.26
N GLU A 388 -23.34 18.16 -7.65
CA GLU A 388 -23.66 17.44 -8.90
C GLU A 388 -24.79 16.42 -8.70
N PHE A 389 -24.87 15.79 -7.53
CA PHE A 389 -25.77 14.64 -7.29
C PHE A 389 -26.81 15.04 -6.24
N GLU A 390 -28.07 14.62 -6.45
N GLU A 390 -28.06 14.59 -6.46
CA GLU A 390 -29.19 14.91 -5.51
CA GLU A 390 -29.23 14.85 -5.57
C GLU A 390 -28.87 14.28 -4.15
C GLU A 390 -28.94 14.26 -4.19
N LYS A 391 -28.52 12.99 -4.14
CA LYS A 391 -28.25 12.24 -2.88
C LYS A 391 -26.83 11.63 -2.93
N VAL A 392 -25.98 12.11 -2.02
CA VAL A 392 -24.57 11.65 -1.81
C VAL A 392 -24.50 11.01 -0.43
N ALA A 393 -23.90 9.82 -0.35
CA ALA A 393 -23.59 9.16 0.94
C ALA A 393 -22.10 9.28 1.18
N VAL A 394 -21.73 9.52 2.44
CA VAL A 394 -20.32 9.45 2.89
C VAL A 394 -20.19 8.30 3.87
N TYR A 395 -19.25 7.41 3.58
CA TYR A 395 -18.82 6.32 4.47
C TYR A 395 -17.47 6.76 5.03
N MET A 396 -17.28 6.65 6.34
CA MET A 396 -16.04 7.15 6.96
C MET A 396 -15.63 6.20 8.09
N SER A 397 -14.35 5.85 8.10
CA SER A 397 -13.67 5.07 9.16
C SER A 397 -12.40 5.84 9.47
N SER A 398 -12.22 6.22 10.74
CA SER A 398 -11.08 7.02 11.22
C SER A 398 -10.70 6.51 12.60
N PHE A 399 -9.48 6.02 12.74
CA PHE A 399 -9.02 5.26 13.93
C PHE A 399 -7.49 5.22 13.85
N THR A 400 -6.79 5.33 14.99
CA THR A 400 -5.35 5.03 15.06
C THR A 400 -5.17 3.52 14.96
N PRO A 401 -4.49 2.99 13.91
CA PRO A 401 -4.27 1.55 13.79
C PRO A 401 -3.48 1.10 15.01
N LEU A 402 -3.60 -0.18 15.34
CA LEU A 402 -3.02 -0.81 16.54
C LEU A 402 -1.52 -0.57 16.56
N MET A 403 -0.83 -0.79 15.44
CA MET A 403 0.65 -0.72 15.49
C MET A 403 1.05 0.67 16.03
N HIS A 404 0.19 1.69 15.85
CA HIS A 404 0.55 3.11 16.19
C HIS A 404 0.20 3.43 17.64
N ASN A 405 -0.72 2.65 18.23
CA ASN A 405 -0.87 2.59 19.70
C ASN A 405 0.42 2.01 20.30
N ILE A 406 1.05 0.98 19.70
CA ILE A 406 2.34 0.42 20.21
C ILE A 406 3.51 1.34 19.87
N SER A 407 3.56 1.90 18.66
CA SER A 407 4.64 2.81 18.20
C SER A 407 4.78 4.02 19.14
N GLY A 408 3.67 4.49 19.71
CA GLY A 408 3.58 5.72 20.51
C GLY A 408 3.10 6.89 19.66
N SER A 409 2.83 6.69 18.36
CA SER A 409 2.30 7.75 17.47
C SER A 409 0.77 7.69 17.46
N LYS A 410 0.12 7.93 18.61
CA LYS A 410 -1.33 7.67 18.75
C LYS A 410 -2.13 8.66 17.91
N TYR A 411 -1.51 9.77 17.53
CA TYR A 411 -2.07 10.82 16.66
C TYR A 411 -2.22 10.36 15.19
N LYS A 412 -1.64 9.22 14.80
CA LYS A 412 -1.63 8.78 13.38
C LYS A 412 -2.93 8.04 13.10
N LYS A 413 -4.03 8.79 13.04
CA LYS A 413 -5.34 8.19 12.69
C LYS A 413 -5.26 7.88 11.20
N PHE A 414 -5.64 6.66 10.83
CA PHE A 414 -5.95 6.27 9.43
C PHE A 414 -7.37 6.71 9.11
N VAL A 415 -7.54 7.50 8.05
CA VAL A 415 -8.87 8.02 7.58
C VAL A 415 -9.15 7.36 6.23
N ALA A 416 -10.26 6.66 6.12
CA ALA A 416 -10.79 6.12 4.85
C ALA A 416 -12.20 6.65 4.65
N LYS A 417 -12.41 7.39 3.56
CA LYS A 417 -13.74 7.94 3.18
C LYS A 417 -14.08 7.48 1.77
N ILE A 418 -15.28 6.97 1.60
CA ILE A 418 -15.86 6.68 0.27
C ILE A 418 -17.06 7.61 0.14
N VAL A 419 -17.13 8.28 -1.00
CA VAL A 419 -18.24 9.19 -1.38
C VAL A 419 -18.98 8.51 -2.51
N THR A 420 -20.28 8.30 -2.36
CA THR A 420 -21.11 7.66 -3.42
C THR A 420 -22.22 8.59 -3.89
N ASN A 421 -22.69 8.28 -5.09
CA ASN A 421 -24.04 8.67 -5.56
C ASN A 421 -25.01 7.74 -4.84
N HIS A 422 -25.77 8.24 -3.89
CA HIS A 422 -26.61 7.35 -3.06
C HIS A 422 -27.78 6.81 -3.87
N SER A 423 -28.10 7.38 -5.04
CA SER A 423 -29.21 6.89 -5.91
C SER A 423 -28.87 5.50 -6.48
N ASP A 424 -27.61 5.15 -6.71
CA ASP A 424 -27.27 3.85 -7.34
C ASP A 424 -26.06 3.17 -6.68
N GLY A 425 -25.44 3.75 -5.65
CA GLY A 425 -24.28 3.17 -4.97
C GLY A 425 -22.94 3.51 -5.62
N THR A 426 -22.91 4.15 -6.79
CA THR A 426 -21.68 4.37 -7.59
C THR A 426 -20.65 5.15 -6.77
N VAL A 427 -19.42 4.64 -6.70
CA VAL A 427 -18.34 5.33 -5.93
C VAL A 427 -17.88 6.52 -6.76
N LEU A 428 -17.93 7.70 -6.16
CA LEU A 428 -17.60 8.99 -6.78
C LEU A 428 -16.20 9.43 -6.37
N GLY A 429 -15.78 9.08 -5.15
CA GLY A 429 -14.46 9.44 -4.63
C GLY A 429 -14.08 8.57 -3.46
N VAL A 430 -12.78 8.38 -3.28
CA VAL A 430 -12.15 7.61 -2.18
C VAL A 430 -10.97 8.45 -1.72
N HIS A 431 -10.88 8.68 -0.42
CA HIS A 431 -9.93 9.64 0.22
C HIS A 431 -9.35 8.91 1.42
N LEU A 432 -8.02 8.73 1.44
CA LEU A 432 -7.27 7.96 2.45
C LEU A 432 -6.22 8.87 3.07
N LEU A 433 -6.09 8.80 4.37
CA LEU A 433 -4.93 9.41 5.06
C LEU A 433 -4.32 8.33 5.93
N GLY A 434 -3.03 8.07 5.77
CA GLY A 434 -2.30 7.13 6.64
C GLY A 434 -1.24 6.38 5.88
N ASP A 435 -0.33 5.74 6.62
CA ASP A 435 0.77 4.94 6.03
C ASP A 435 0.17 4.03 4.95
N GLY A 436 0.71 4.07 3.74
CA GLY A 436 0.28 3.14 2.68
C GLY A 436 -0.78 3.73 1.77
N ALA A 437 -1.40 4.87 2.13
CA ALA A 437 -2.52 5.47 1.37
C ALA A 437 -2.15 5.56 -0.11
N PRO A 438 -0.96 6.05 -0.52
CA PRO A 438 -0.67 6.21 -1.94
C PRO A 438 -0.66 4.86 -2.68
N GLU A 439 -0.22 3.79 -2.00
CA GLU A 439 -0.14 2.43 -2.57
C GLU A 439 -1.55 1.87 -2.63
N ILE A 440 -2.33 2.10 -1.59
CA ILE A 440 -3.73 1.58 -1.50
C ILE A 440 -4.54 2.16 -2.65
N ILE A 441 -4.37 3.45 -2.95
CA ILE A 441 -5.35 4.16 -3.82
C ILE A 441 -5.21 3.77 -5.29
N GLN A 442 -4.08 3.22 -5.74
CA GLN A 442 -3.86 3.00 -7.18
C GLN A 442 -4.95 2.08 -7.76
N ALA A 443 -5.16 0.91 -7.18
CA ALA A 443 -6.16 -0.06 -7.69
C ALA A 443 -7.58 0.47 -7.45
N VAL A 444 -7.77 1.42 -6.53
CA VAL A 444 -9.06 2.16 -6.39
C VAL A 444 -9.34 2.95 -7.67
N GLY A 445 -8.32 3.57 -8.26
CA GLY A 445 -8.44 4.23 -9.57
C GLY A 445 -9.01 3.29 -10.61
N VAL A 446 -8.60 2.04 -10.61
CA VAL A 446 -9.11 1.06 -11.60
C VAL A 446 -10.59 0.79 -11.25
N CYS A 447 -10.90 0.67 -9.97
CA CYS A 447 -12.27 0.39 -9.46
C CYS A 447 -13.20 1.49 -9.95
N LEU A 448 -12.77 2.74 -9.90
CA LEU A 448 -13.63 3.88 -10.29
C LEU A 448 -13.82 3.90 -11.82
N ARG A 449 -12.78 3.57 -12.58
N ARG A 449 -12.78 3.55 -12.57
CA ARG A 449 -12.87 3.40 -14.06
CA ARG A 449 -12.83 3.39 -14.05
C ARG A 449 -13.93 2.34 -14.36
C ARG A 449 -13.84 2.29 -14.42
N LEU A 450 -13.99 1.27 -13.56
CA LEU A 450 -14.99 0.18 -13.74
C LEU A 450 -16.36 0.53 -13.14
N ASN A 451 -16.56 1.76 -12.65
CA ASN A 451 -17.87 2.25 -12.10
C ASN A 451 -18.27 1.42 -10.89
N ALA A 452 -17.30 1.07 -10.06
CA ALA A 452 -17.51 0.31 -8.81
C ALA A 452 -18.55 1.03 -7.92
N LYS A 453 -19.43 0.25 -7.31
CA LYS A 453 -20.42 0.71 -6.29
C LYS A 453 -19.85 0.35 -4.92
N ILE A 454 -20.36 1.00 -3.87
CA ILE A 454 -20.02 0.71 -2.45
C ILE A 454 -20.20 -0.79 -2.19
N SER A 455 -21.22 -1.43 -2.78
CA SER A 455 -21.51 -2.89 -2.60
C SER A 455 -20.41 -3.75 -3.26
N ASP A 456 -19.80 -3.27 -4.33
CA ASP A 456 -18.59 -3.96 -4.90
C ASP A 456 -17.43 -3.96 -3.89
N PHE A 457 -17.23 -2.87 -3.17
CA PHE A 457 -16.22 -2.78 -2.10
C PHE A 457 -16.63 -3.70 -0.93
N TYR A 458 -17.85 -3.53 -0.40
CA TYR A 458 -18.16 -4.23 0.88
C TYR A 458 -18.38 -5.72 0.62
N ASN A 459 -18.72 -6.15 -0.60
CA ASN A 459 -18.83 -7.61 -0.92
C ASN A 459 -17.45 -8.23 -1.21
N THR A 460 -16.39 -7.45 -1.38
CA THR A 460 -15.04 -8.04 -1.61
C THR A 460 -14.47 -8.43 -0.25
N ILE A 461 -13.82 -9.59 -0.17
CA ILE A 461 -13.25 -10.11 1.09
C ILE A 461 -11.98 -9.33 1.42
N GLY A 462 -11.89 -8.87 2.66
CA GLY A 462 -10.74 -8.11 3.18
C GLY A 462 -9.45 -8.93 3.14
N VAL A 463 -8.33 -8.24 2.93
CA VAL A 463 -6.96 -8.72 3.30
C VAL A 463 -6.67 -8.25 4.72
N HIS A 464 -6.34 -9.20 5.58
CA HIS A 464 -6.25 -8.95 7.04
C HIS A 464 -4.90 -9.42 7.52
N PRO A 465 -4.20 -8.65 8.38
CA PRO A 465 -4.59 -7.29 8.74
C PRO A 465 -3.90 -6.25 7.83
N THR A 466 -4.68 -5.32 7.32
CA THR A 466 -4.23 -4.16 6.49
C THR A 466 -5.09 -2.95 6.88
N SER A 467 -4.63 -1.75 6.58
CA SER A 467 -5.48 -0.53 6.56
C SER A 467 -6.48 -0.64 5.42
N ALA A 468 -6.04 -1.18 4.28
CA ALA A 468 -6.79 -1.23 3.00
C ALA A 468 -8.13 -1.95 3.20
N GLU A 469 -8.18 -2.96 4.06
CA GLU A 469 -9.41 -3.76 4.22
C GLU A 469 -10.54 -2.89 4.79
N GLU A 470 -10.20 -1.76 5.43
CA GLU A 470 -11.23 -0.83 5.94
C GLU A 470 -12.18 -0.46 4.80
N LEU A 471 -11.64 -0.35 3.59
CA LEU A 471 -12.41 0.04 2.39
C LEU A 471 -13.48 -0.99 2.04
N CYS A 472 -13.33 -2.23 2.52
CA CYS A 472 -14.22 -3.37 2.22
C CYS A 472 -15.12 -3.64 3.44
N SER A 473 -15.12 -2.78 4.45
CA SER A 473 -15.83 -2.98 5.75
C SER A 473 -16.87 -1.89 6.02
N MET A 474 -17.17 -1.03 5.03
CA MET A 474 -18.10 0.12 5.24
C MET A 474 -19.36 -0.10 4.41
N ARG A 475 -20.47 -0.38 5.11
CA ARG A 475 -21.77 -0.83 4.53
C ARG A 475 -22.84 0.24 4.74
N THR A 476 -22.65 1.07 5.77
CA THR A 476 -23.65 2.01 6.32
C THR A 476 -23.07 3.41 6.20
N PRO A 477 -23.73 4.32 5.45
CA PRO A 477 -23.30 5.71 5.40
C PRO A 477 -23.14 6.34 6.79
N SER A 478 -22.17 7.23 6.96
CA SER A 478 -21.97 8.02 8.19
C SER A 478 -22.90 9.20 8.14
N TYR A 479 -23.04 9.80 6.96
CA TYR A 479 -23.99 10.90 6.74
C TYR A 479 -24.17 11.04 5.24
N TYR A 480 -25.03 11.96 4.85
CA TYR A 480 -25.47 12.17 3.45
C TYR A 480 -25.36 13.67 3.16
N TYR A 481 -25.39 14.00 1.88
CA TYR A 481 -25.82 15.32 1.38
C TYR A 481 -27.10 15.07 0.56
N VAL A 482 -28.16 15.82 0.87
CA VAL A 482 -29.43 15.77 0.09
C VAL A 482 -29.67 17.18 -0.47
N LYS A 483 -29.79 17.26 -1.80
CA LYS A 483 -29.78 18.54 -2.58
C LYS A 483 -28.81 19.54 -1.95
N GLY A 484 -27.57 19.12 -1.68
CA GLY A 484 -26.48 19.99 -1.20
C GLY A 484 -26.41 20.11 0.30
N GLU A 485 -27.42 19.65 1.02
CA GLU A 485 -27.54 19.85 2.48
C GLU A 485 -26.98 18.63 3.21
N LYS A 486 -26.06 18.85 4.13
CA LYS A 486 -25.49 17.78 4.99
C LYS A 486 -26.52 17.39 6.06
N MET A 487 -26.70 16.09 6.31
CA MET A 487 -27.60 15.57 7.38
C MET A 487 -27.18 14.14 7.74
N GLU A 488 -27.35 13.78 9.01
CA GLU A 488 -27.05 12.44 9.55
C GLU A 488 -27.87 11.38 8.78
N LYS A 489 -29.13 11.68 8.49
CA LYS A 489 -30.11 10.66 8.02
C LYS A 489 -30.86 11.21 6.81
N LEU A 490 -31.24 10.34 5.88
CA LEU A 490 -32.15 10.69 4.77
C LEU A 490 -33.52 11.05 5.33
N PRO A 491 -34.30 11.91 4.63
CA PRO A 491 -35.76 11.90 4.75
C PRO A 491 -36.40 10.59 4.23
N LYS B 6 -30.61 -24.32 28.96
CA LYS B 6 -31.19 -23.07 28.37
C LYS B 6 -31.38 -23.27 26.86
N ALA B 7 -32.38 -22.59 26.29
CA ALA B 7 -32.78 -22.72 24.87
C ALA B 7 -32.25 -21.52 24.08
N PHE B 8 -31.65 -21.78 22.92
CA PHE B 8 -31.03 -20.77 22.03
C PHE B 8 -31.49 -21.04 20.60
N ASP B 9 -31.75 -19.97 19.84
CA ASP B 9 -32.01 -20.07 18.38
C ASP B 9 -30.74 -20.60 17.68
N LEU B 10 -29.58 -20.24 18.22
CA LEU B 10 -28.28 -20.60 17.61
C LEU B 10 -27.25 -20.80 18.72
N VAL B 11 -26.56 -21.92 18.65
CA VAL B 11 -25.39 -22.14 19.53
C VAL B 11 -24.15 -22.22 18.63
N VAL B 12 -23.13 -21.46 18.99
CA VAL B 12 -21.87 -21.38 18.20
C VAL B 12 -20.79 -21.97 19.06
N ILE B 13 -20.12 -22.98 18.54
CA ILE B 13 -18.94 -23.59 19.20
C ILE B 13 -17.72 -23.02 18.50
N GLY B 14 -16.97 -22.22 19.25
CA GLY B 14 -15.77 -21.49 18.83
C GLY B 14 -16.08 -20.01 18.74
N ALA B 15 -15.50 -19.21 19.63
CA ALA B 15 -15.72 -17.74 19.69
C ALA B 15 -14.62 -17.07 18.86
N GLY B 16 -14.57 -17.43 17.58
CA GLY B 16 -13.47 -17.04 16.68
C GLY B 16 -13.91 -16.13 15.57
N SER B 17 -13.07 -15.98 14.55
CA SER B 17 -13.33 -15.01 13.46
C SER B 17 -14.74 -15.28 12.92
N GLY B 18 -15.03 -16.53 12.55
CA GLY B 18 -16.30 -16.90 11.89
C GLY B 18 -17.43 -17.02 12.88
N GLY B 19 -17.19 -17.71 13.99
CA GLY B 19 -18.13 -17.87 15.10
C GLY B 19 -18.68 -16.54 15.62
N LEU B 20 -17.81 -15.56 15.88
CA LEU B 20 -18.27 -14.25 16.42
C LEU B 20 -19.05 -13.47 15.36
N GLU B 21 -18.64 -13.49 14.09
CA GLU B 21 -19.37 -12.81 13.00
C GLU B 21 -20.78 -13.38 12.94
N ALA B 22 -20.89 -14.71 12.96
CA ALA B 22 -22.15 -15.46 12.85
C ALA B 22 -23.06 -15.13 14.05
N GLY B 23 -22.49 -15.18 15.25
CA GLY B 23 -23.22 -14.97 16.52
C GLY B 23 -23.78 -13.56 16.62
N TRP B 24 -22.92 -12.57 16.37
CA TRP B 24 -23.25 -11.13 16.40
C TRP B 24 -24.33 -10.86 15.36
N ASN B 25 -24.14 -11.32 14.13
CA ASN B 25 -25.09 -11.07 13.02
C ASN B 25 -26.45 -11.69 13.39
N ALA B 26 -26.46 -12.92 13.87
CA ALA B 26 -27.71 -13.63 14.20
C ALA B 26 -28.44 -12.85 15.31
N ALA B 27 -27.71 -12.45 16.36
CA ALA B 27 -28.26 -11.69 17.53
C ALA B 27 -28.76 -10.31 17.09
N THR B 28 -27.87 -9.48 16.54
CA THR B 28 -28.13 -8.03 16.34
C THR B 28 -28.90 -7.81 15.04
N LEU B 29 -28.55 -8.45 13.93
CA LEU B 29 -29.24 -8.17 12.64
C LEU B 29 -30.56 -8.94 12.58
N TYR B 30 -30.64 -10.14 13.14
CA TYR B 30 -31.80 -11.04 12.92
C TYR B 30 -32.60 -11.22 14.22
N GLY B 31 -32.15 -10.60 15.31
CA GLY B 31 -32.87 -10.62 16.61
C GLY B 31 -33.05 -12.04 17.12
N LYS B 32 -32.07 -12.92 16.90
CA LYS B 32 -32.09 -14.31 17.42
C LYS B 32 -31.43 -14.34 18.80
N ARG B 33 -31.74 -15.35 19.60
CA ARG B 33 -31.11 -15.60 20.93
C ARG B 33 -29.93 -16.54 20.69
N VAL B 34 -28.72 -16.15 21.10
CA VAL B 34 -27.46 -16.78 20.61
C VAL B 34 -26.55 -17.13 21.78
N ALA B 35 -26.08 -18.37 21.80
CA ALA B 35 -25.03 -18.83 22.74
C ALA B 35 -23.73 -19.04 21.95
N VAL B 36 -22.59 -18.68 22.53
CA VAL B 36 -21.25 -18.94 21.93
C VAL B 36 -20.37 -19.54 23.00
N VAL B 37 -19.57 -20.55 22.63
CA VAL B 37 -18.69 -21.30 23.57
C VAL B 37 -17.25 -21.17 23.12
N ASP B 38 -16.34 -20.99 24.08
CA ASP B 38 -14.87 -21.06 23.89
C ASP B 38 -14.20 -21.50 25.19
N VAL B 39 -12.96 -21.93 25.07
CA VAL B 39 -12.29 -22.74 26.11
C VAL B 39 -11.51 -21.80 27.04
N GLN B 40 -11.42 -20.53 26.66
CA GLN B 40 -10.53 -19.54 27.31
C GLN B 40 -11.06 -18.13 27.04
N THR B 41 -10.92 -17.22 28.02
CA THR B 41 -11.47 -15.86 27.94
C THR B 41 -10.36 -14.93 27.44
N SER B 42 -9.11 -15.35 27.56
CA SER B 42 -7.97 -14.54 27.09
C SER B 42 -6.84 -15.44 26.61
N HIS B 43 -5.91 -14.84 25.88
CA HIS B 43 -4.85 -15.49 25.08
C HIS B 43 -3.89 -16.31 25.94
N GLY B 44 -3.36 -17.36 25.31
CA GLY B 44 -2.11 -17.98 25.72
C GLY B 44 -2.33 -19.32 26.40
N PRO B 45 -1.25 -19.90 26.96
CA PRO B 45 -1.29 -21.23 27.56
C PRO B 45 -2.36 -21.30 28.64
N PRO B 46 -3.05 -22.44 28.81
CA PRO B 46 -2.71 -23.68 28.10
C PRO B 46 -3.31 -23.88 26.69
N PHE B 47 -4.41 -23.22 26.32
CA PHE B 47 -5.16 -23.57 25.08
C PHE B 47 -4.90 -22.59 23.92
N TYR B 48 -4.16 -21.50 24.18
CA TYR B 48 -3.56 -20.58 23.16
C TYR B 48 -4.66 -19.75 22.48
N ALA B 49 -5.49 -20.34 21.62
CA ALA B 49 -6.67 -19.63 21.11
C ALA B 49 -7.69 -19.44 22.25
N ALA B 50 -8.61 -18.51 22.07
CA ALA B 50 -9.48 -18.03 23.16
C ALA B 50 -10.55 -17.19 22.54
N LEU B 51 -11.37 -16.57 23.38
CA LEU B 51 -12.35 -15.56 22.96
C LEU B 51 -11.67 -14.64 21.94
N GLY B 52 -12.25 -14.54 20.75
CA GLY B 52 -11.67 -13.74 19.65
C GLY B 52 -11.16 -14.63 18.54
N GLY B 53 -10.73 -15.85 18.86
CA GLY B 53 -10.26 -16.83 17.85
C GLY B 53 -8.77 -16.89 17.70
N THR B 54 -8.30 -17.61 16.67
CA THR B 54 -6.88 -17.93 16.46
C THR B 54 -6.18 -16.66 15.99
N CYS B 55 -6.86 -15.94 15.13
CA CYS B 55 -6.31 -14.73 14.47
C CYS B 55 -5.95 -13.70 15.56
N VAL B 56 -6.92 -13.41 16.44
CA VAL B 56 -6.75 -12.43 17.53
C VAL B 56 -5.61 -12.87 18.45
N ASN B 57 -5.63 -14.12 18.86
CA ASN B 57 -4.90 -14.62 20.04
C ASN B 57 -3.51 -15.12 19.62
N VAL B 58 -3.45 -15.94 18.58
CA VAL B 58 -2.16 -16.57 18.17
C VAL B 58 -2.13 -16.68 16.65
N GLY B 59 -2.44 -15.57 15.95
CA GLY B 59 -2.48 -15.55 14.48
C GLY B 59 -2.23 -14.16 13.94
N CYS B 60 -3.09 -13.73 13.02
CA CYS B 60 -2.90 -12.52 12.18
C CYS B 60 -2.48 -11.35 13.10
N VAL B 61 -3.20 -11.12 14.19
CA VAL B 61 -3.06 -9.87 14.96
C VAL B 61 -1.67 -9.83 15.57
N PRO B 62 -1.30 -10.78 16.45
CA PRO B 62 0.02 -10.72 17.10
C PRO B 62 1.13 -10.88 16.06
N LYS B 63 0.92 -11.75 15.05
CA LYS B 63 2.06 -11.98 14.13
C LYS B 63 2.34 -10.68 13.35
N LYS B 64 1.32 -9.92 12.97
CA LYS B 64 1.51 -8.67 12.17
C LYS B 64 2.32 -7.65 13.02
N LEU B 65 1.97 -7.51 14.29
CA LEU B 65 2.72 -6.67 15.26
C LEU B 65 4.18 -7.13 15.29
N MET B 66 4.43 -8.43 15.35
CA MET B 66 5.82 -8.93 15.53
C MET B 66 6.59 -8.77 14.23
N VAL B 67 5.93 -8.90 13.08
CA VAL B 67 6.61 -8.62 11.77
C VAL B 67 6.90 -7.12 11.71
N THR B 68 5.96 -6.29 12.12
CA THR B 68 6.20 -4.82 12.13
C THR B 68 7.46 -4.57 12.95
N GLY B 69 7.55 -5.18 14.11
CA GLY B 69 8.76 -5.09 14.94
C GLY B 69 10.00 -5.54 14.18
N ALA B 70 9.93 -6.70 13.52
CA ALA B 70 11.07 -7.28 12.79
C ALA B 70 11.48 -6.33 11.65
N GLN B 71 10.53 -5.63 11.05
CA GLN B 71 10.81 -4.70 9.92
C GLN B 71 11.81 -3.61 10.36
N TYR B 72 11.88 -3.24 11.64
CA TYR B 72 12.80 -2.14 12.07
C TYR B 72 14.28 -2.55 11.91
N MET B 73 14.57 -3.84 11.93
CA MET B 73 15.96 -4.27 11.62
C MET B 73 16.37 -3.71 10.26
N ASP B 74 15.46 -3.78 9.28
CA ASP B 74 15.74 -3.31 7.91
C ASP B 74 15.77 -1.78 7.90
N HIS B 75 14.82 -1.13 8.58
CA HIS B 75 14.77 0.35 8.70
C HIS B 75 16.08 0.85 9.31
N LEU B 76 16.60 0.14 10.32
CA LEU B 76 17.90 0.45 10.98
C LEU B 76 19.00 0.55 9.91
N ARG B 77 19.28 -0.57 9.24
CA ARG B 77 20.32 -0.66 8.18
C ARG B 77 20.03 0.37 7.07
N GLU B 78 18.77 0.45 6.63
CA GLU B 78 18.43 1.20 5.40
C GLU B 78 18.49 2.72 5.61
N SER B 79 18.21 3.21 6.80
CA SER B 79 18.22 4.65 7.17
C SER B 79 19.57 5.28 6.80
N ALA B 80 20.66 4.53 6.90
CA ALA B 80 22.03 5.06 6.69
C ALA B 80 22.17 5.57 5.26
N GLY B 81 21.60 4.89 4.26
CA GLY B 81 21.65 5.36 2.86
C GLY B 81 21.02 6.73 2.67
N PHE B 82 20.06 7.09 3.54
CA PHE B 82 19.35 8.40 3.54
C PHE B 82 19.96 9.37 4.55
N GLY B 83 21.19 9.05 5.02
CA GLY B 83 22.05 9.93 5.83
C GLY B 83 21.81 9.78 7.32
N TRP B 84 21.02 8.81 7.74
CA TRP B 84 20.80 8.65 9.18
C TRP B 84 22.09 8.06 9.76
N GLU B 85 22.52 8.60 10.90
CA GLU B 85 23.84 8.35 11.54
C GLU B 85 23.62 8.15 13.04
N PHE B 86 24.02 6.97 13.55
CA PHE B 86 23.73 6.49 14.92
C PHE B 86 24.87 5.57 15.37
N ASP B 87 24.85 5.17 16.64
CA ASP B 87 25.82 4.19 17.21
C ASP B 87 25.25 2.78 16.98
N GLY B 88 25.67 2.14 15.88
CA GLY B 88 25.19 0.82 15.46
C GLY B 88 25.38 -0.24 16.53
N SER B 89 26.45 -0.14 17.31
CA SER B 89 26.80 -1.13 18.36
C SER B 89 25.92 -0.98 19.63
N SER B 90 25.17 0.13 19.73
CA SER B 90 24.30 0.46 20.89
C SER B 90 22.85 0.04 20.63
N VAL B 91 22.56 -0.57 19.47
CA VAL B 91 21.19 -0.99 19.06
C VAL B 91 20.98 -2.46 19.46
N LYS B 92 19.89 -2.74 20.18
CA LYS B 92 19.47 -4.11 20.60
C LYS B 92 18.00 -4.31 20.26
N ALA B 93 17.62 -5.53 19.86
CA ALA B 93 16.21 -5.92 19.63
C ALA B 93 15.69 -6.61 20.88
N ASN B 94 14.94 -5.90 21.72
CA ASN B 94 14.39 -6.41 22.99
C ASN B 94 13.09 -7.17 22.71
N TRP B 95 13.22 -8.47 22.53
CA TRP B 95 12.11 -9.44 22.32
C TRP B 95 11.15 -9.44 23.52
N LYS B 96 11.64 -9.23 24.74
CA LYS B 96 10.75 -9.27 25.93
C LYS B 96 9.73 -8.14 25.77
N LYS B 97 10.20 -6.94 25.39
CA LYS B 97 9.31 -5.75 25.21
C LYS B 97 8.29 -6.03 24.10
N LEU B 98 8.75 -6.62 23.00
CA LEU B 98 7.85 -6.94 21.86
C LEU B 98 6.72 -7.83 22.37
N ILE B 99 7.07 -8.90 23.09
CA ILE B 99 6.08 -9.92 23.55
C ILE B 99 5.11 -9.24 24.51
N ALA B 100 5.63 -8.42 25.43
CA ALA B 100 4.81 -7.66 26.39
C ALA B 100 3.86 -6.71 25.65
N ALA B 101 4.35 -5.93 24.69
CA ALA B 101 3.51 -5.05 23.86
C ALA B 101 2.45 -5.89 23.15
N LYS B 102 2.85 -7.01 22.51
CA LYS B 102 1.89 -7.91 21.81
C LYS B 102 0.84 -8.44 22.80
N ASN B 103 1.27 -8.95 23.95
CA ASN B 103 0.33 -9.52 24.96
C ASN B 103 -0.71 -8.46 25.38
N GLU B 104 -0.29 -7.24 25.66
CA GLU B 104 -1.23 -6.17 26.09
C GLU B 104 -2.23 -5.92 24.97
N ALA B 105 -1.78 -5.85 23.73
CA ALA B 105 -2.65 -5.62 22.56
C ALA B 105 -3.67 -6.76 22.46
N VAL B 106 -3.21 -8.00 22.56
CA VAL B 106 -4.14 -9.17 22.44
C VAL B 106 -5.09 -9.14 23.64
N LEU B 107 -4.58 -8.96 24.86
CA LEU B 107 -5.47 -8.94 26.06
C LEU B 107 -6.54 -7.84 25.90
N ASP B 108 -6.18 -6.65 25.40
CA ASP B 108 -7.18 -5.56 25.22
C ASP B 108 -8.30 -6.07 24.33
N ILE B 109 -8.01 -6.84 23.27
CA ILE B 109 -9.06 -7.35 22.36
C ILE B 109 -9.91 -8.39 23.11
N ASN B 110 -9.28 -9.33 23.79
CA ASN B 110 -9.94 -10.33 24.68
C ASN B 110 -10.98 -9.60 25.53
N LYS B 111 -10.54 -8.59 26.27
CA LYS B 111 -11.38 -7.77 27.18
C LYS B 111 -12.53 -7.12 26.41
N SER B 112 -12.30 -6.54 25.24
CA SER B 112 -13.40 -5.88 24.49
C SER B 112 -14.45 -6.92 24.09
N TYR B 113 -14.03 -8.12 23.68
CA TYR B 113 -14.99 -9.23 23.38
C TYR B 113 -15.77 -9.57 24.65
N GLU B 114 -15.10 -9.71 25.81
CA GLU B 114 -15.77 -9.90 27.14
C GLU B 114 -16.89 -8.85 27.30
N GLY B 115 -16.59 -7.57 27.04
CA GLY B 115 -17.51 -6.43 27.12
C GLY B 115 -18.65 -6.54 26.13
N MET B 116 -18.36 -6.92 24.89
CA MET B 116 -19.37 -7.17 23.82
C MET B 116 -20.43 -8.18 24.31
N PHE B 117 -20.00 -9.27 24.97
CA PHE B 117 -20.92 -10.31 25.51
C PHE B 117 -21.74 -9.70 26.65
N ASN B 118 -21.12 -8.87 27.51
CA ASN B 118 -21.80 -8.21 28.66
C ASN B 118 -22.88 -7.24 28.19
N ASP B 119 -22.63 -6.52 27.09
CA ASP B 119 -23.43 -5.34 26.65
C ASP B 119 -24.43 -5.74 25.54
N THR B 120 -24.30 -6.93 24.92
CA THR B 120 -25.17 -7.40 23.82
C THR B 120 -26.20 -8.38 24.37
N GLU B 121 -27.47 -7.96 24.46
CA GLU B 121 -28.58 -8.81 24.94
C GLU B 121 -28.79 -9.94 23.92
N GLY B 122 -29.08 -11.15 24.39
CA GLY B 122 -29.36 -12.31 23.53
C GLY B 122 -28.11 -12.78 22.81
N LEU B 123 -26.94 -12.42 23.32
CA LEU B 123 -25.63 -12.99 22.94
C LEU B 123 -24.89 -13.38 24.22
N ASP B 124 -24.85 -14.68 24.51
CA ASP B 124 -24.27 -15.20 25.78
C ASP B 124 -23.02 -16.01 25.45
N PHE B 125 -21.97 -15.77 26.23
CA PHE B 125 -20.70 -16.51 26.22
C PHE B 125 -20.73 -17.54 27.35
N PHE B 126 -20.37 -18.78 27.03
CA PHE B 126 -20.12 -19.87 28.02
C PHE B 126 -18.69 -20.34 27.86
N LEU B 127 -17.99 -20.45 28.99
CA LEU B 127 -16.59 -20.93 29.05
C LEU B 127 -16.57 -22.45 29.22
N GLY B 128 -15.72 -23.10 28.43
CA GLY B 128 -15.42 -24.53 28.49
C GLY B 128 -15.45 -25.17 27.11
N TRP B 129 -15.53 -26.49 27.08
CA TRP B 129 -15.37 -27.31 25.85
C TRP B 129 -16.73 -27.75 25.33
N GLY B 130 -17.12 -27.20 24.17
CA GLY B 130 -18.40 -27.51 23.50
C GLY B 130 -18.28 -28.79 22.69
N SER B 131 -19.32 -29.64 22.74
CA SER B 131 -19.44 -30.87 21.92
C SER B 131 -20.93 -31.11 21.64
N LEU B 132 -21.24 -32.01 20.71
CA LEU B 132 -22.63 -32.36 20.38
C LEU B 132 -23.06 -33.52 21.26
N GLU B 133 -24.05 -33.29 22.11
CA GLU B 133 -24.73 -34.38 22.87
C GLU B 133 -25.75 -35.01 21.92
N SER B 134 -26.58 -34.18 21.29
CA SER B 134 -27.61 -34.57 20.29
C SER B 134 -27.72 -33.43 19.29
N LYS B 135 -28.58 -33.56 18.28
CA LYS B 135 -28.63 -32.68 17.09
C LYS B 135 -29.26 -31.32 17.45
N ASN B 136 -29.82 -31.20 18.65
CA ASN B 136 -30.39 -29.92 19.16
C ASN B 136 -29.85 -29.63 20.56
N VAL B 137 -28.77 -30.29 20.96
CA VAL B 137 -28.19 -30.07 22.31
C VAL B 137 -26.66 -30.03 22.20
N VAL B 138 -26.10 -28.87 22.55
CA VAL B 138 -24.63 -28.73 22.78
C VAL B 138 -24.37 -28.86 24.27
N VAL B 139 -23.40 -29.67 24.64
CA VAL B 139 -22.93 -29.80 26.04
C VAL B 139 -21.61 -29.06 26.15
N VAL B 140 -21.52 -28.21 27.17
CA VAL B 140 -20.25 -27.55 27.58
C VAL B 140 -19.74 -28.30 28.81
N ARG B 141 -18.48 -28.72 28.74
CA ARG B 141 -17.77 -29.53 29.75
C ARG B 141 -16.49 -28.81 30.20
N GLU B 142 -15.93 -29.30 31.30
CA GLU B 142 -14.78 -28.69 32.01
C GLU B 142 -13.53 -28.78 31.14
N THR B 143 -13.32 -29.93 30.48
CA THR B 143 -12.10 -30.19 29.65
C THR B 143 -12.53 -30.79 28.30
N ALA B 144 -11.54 -31.02 27.43
CA ALA B 144 -11.67 -31.64 26.09
C ALA B 144 -12.12 -33.10 26.25
N ASP B 145 -11.79 -33.71 27.39
CA ASP B 145 -12.23 -35.09 27.76
C ASP B 145 -13.76 -35.13 27.86
N PRO B 146 -14.46 -36.00 27.10
CA PRO B 146 -15.92 -36.06 27.14
C PRO B 146 -16.49 -36.62 28.46
N LYS B 147 -15.63 -37.17 29.33
CA LYS B 147 -16.03 -37.67 30.68
C LYS B 147 -15.86 -36.55 31.73
N SER B 148 -15.29 -35.40 31.35
CA SER B 148 -15.12 -34.23 32.26
C SER B 148 -16.49 -33.68 32.64
N ALA B 149 -16.55 -32.91 33.72
CA ALA B 149 -17.79 -32.43 34.35
C ALA B 149 -18.57 -31.52 33.39
N VAL B 150 -19.90 -31.65 33.39
CA VAL B 150 -20.82 -30.82 32.58
C VAL B 150 -20.95 -29.45 33.25
N LYS B 151 -20.77 -28.38 32.47
CA LYS B 151 -20.94 -26.99 32.92
C LYS B 151 -22.31 -26.52 32.47
N GLU B 152 -22.67 -26.82 31.23
CA GLU B 152 -23.95 -26.36 30.66
C GLU B 152 -24.43 -27.41 29.67
N ARG B 153 -25.75 -27.44 29.45
CA ARG B 153 -26.38 -28.16 28.33
C ARG B 153 -27.29 -27.15 27.65
N LEU B 154 -26.99 -26.85 26.38
CA LEU B 154 -27.58 -25.74 25.61
C LEU B 154 -28.49 -26.35 24.55
N GLN B 155 -29.79 -26.10 24.68
CA GLN B 155 -30.80 -26.48 23.67
C GLN B 155 -30.67 -25.47 22.51
N ALA B 156 -30.57 -25.99 21.29
CA ALA B 156 -30.19 -25.27 20.07
C ALA B 156 -31.14 -25.67 18.95
N ASP B 157 -31.96 -24.72 18.49
CA ASP B 157 -32.64 -24.82 17.17
C ASP B 157 -31.56 -25.08 16.13
N HIS B 158 -30.47 -24.30 16.16
CA HIS B 158 -29.42 -24.31 15.11
C HIS B 158 -28.04 -24.34 15.78
N ILE B 159 -27.15 -25.18 15.25
CA ILE B 159 -25.77 -25.35 15.79
C ILE B 159 -24.75 -24.99 14.70
N LEU B 160 -23.80 -24.11 15.05
CA LEU B 160 -22.69 -23.72 14.15
C LEU B 160 -21.39 -24.25 14.72
N LEU B 161 -20.69 -25.08 13.95
CA LEU B 161 -19.34 -25.59 14.30
C LEU B 161 -18.34 -24.58 13.74
N ALA B 162 -17.51 -23.99 14.59
CA ALA B 162 -16.59 -22.89 14.23
C ALA B 162 -15.33 -22.96 15.12
N THR B 163 -14.83 -24.17 15.32
CA THR B 163 -13.72 -24.48 16.26
C THR B 163 -12.34 -24.24 15.60
N GLY B 164 -12.33 -23.91 14.31
CA GLY B 164 -11.10 -23.56 13.60
C GLY B 164 -10.20 -24.77 13.42
N SER B 165 -8.89 -24.51 13.38
CA SER B 165 -7.84 -25.50 13.07
C SER B 165 -6.79 -25.46 14.16
N TRP B 166 -5.78 -26.31 14.02
CA TRP B 166 -4.78 -26.58 15.07
C TRP B 166 -3.49 -27.01 14.39
N PRO B 167 -2.30 -26.66 14.93
CA PRO B 167 -1.04 -26.98 14.26
C PRO B 167 -0.90 -28.49 14.11
N GLN B 168 -0.37 -28.93 12.97
CA GLN B 168 -0.05 -30.36 12.70
C GLN B 168 1.37 -30.60 13.18
N MET B 169 1.59 -31.64 13.97
CA MET B 169 2.95 -32.03 14.45
C MET B 169 3.30 -33.38 13.88
N PRO B 170 4.42 -33.55 13.13
CA PRO B 170 4.72 -34.83 12.54
C PRO B 170 5.02 -35.80 13.70
N ALA B 171 4.48 -37.02 13.64
CA ALA B 171 4.83 -38.15 14.55
C ALA B 171 6.26 -38.57 14.22
N ILE B 172 7.25 -37.82 14.71
CA ILE B 172 8.68 -38.16 14.61
C ILE B 172 9.22 -38.34 16.02
N PRO B 173 10.30 -39.11 16.21
CA PRO B 173 10.95 -39.18 17.51
C PRO B 173 11.42 -37.78 17.93
N GLY B 174 11.09 -37.41 19.17
CA GLY B 174 11.53 -36.14 19.79
C GLY B 174 10.59 -34.99 19.46
N ILE B 175 9.45 -35.27 18.83
CA ILE B 175 8.39 -34.25 18.54
C ILE B 175 8.17 -33.40 19.79
N GLU B 176 8.16 -34.03 20.98
CA GLU B 176 7.88 -33.34 22.27
C GLU B 176 8.89 -32.20 22.53
N HIS B 177 10.07 -32.20 21.89
CA HIS B 177 11.13 -31.15 22.06
C HIS B 177 10.92 -30.00 21.06
N CYS B 178 9.85 -30.08 20.27
CA CYS B 178 9.48 -29.09 19.23
C CYS B 178 8.26 -28.29 19.70
N ILE B 179 8.08 -27.11 19.13
CA ILE B 179 6.91 -26.23 19.37
C ILE B 179 6.20 -25.97 18.04
N SER B 180 5.03 -25.33 18.11
CA SER B 180 4.30 -24.80 16.95
C SER B 180 4.31 -23.28 17.05
N SER B 181 3.61 -22.62 16.14
CA SER B 181 3.43 -21.15 16.18
C SER B 181 2.85 -20.76 17.55
N ASN B 182 1.95 -21.58 18.10
CA ASN B 182 1.26 -21.29 19.38
C ASN B 182 2.31 -20.90 20.45
N GLU B 183 3.33 -21.74 20.66
CA GLU B 183 4.35 -21.53 21.72
C GLU B 183 5.32 -20.43 21.31
N ALA B 184 5.53 -20.27 20.01
CA ALA B 184 6.44 -19.28 19.43
C ALA B 184 6.02 -17.89 19.95
N PHE B 185 4.71 -17.66 20.07
CA PHE B 185 4.16 -16.38 20.54
C PHE B 185 4.49 -16.09 22.01
N TYR B 186 5.01 -17.06 22.74
CA TYR B 186 5.22 -16.97 24.21
C TYR B 186 6.62 -17.37 24.61
N LEU B 187 7.55 -17.48 23.67
CA LEU B 187 8.97 -17.72 24.02
C LEU B 187 9.40 -16.55 24.90
N PRO B 188 9.99 -16.80 26.10
CA PRO B 188 10.32 -15.69 27.01
C PRO B 188 11.52 -14.89 26.48
N GLU B 189 12.41 -15.59 25.78
CA GLU B 189 13.65 -15.07 25.18
C GLU B 189 13.65 -15.42 23.70
N PRO B 190 14.30 -14.57 22.86
CA PRO B 190 14.42 -14.85 21.45
C PRO B 190 15.47 -15.92 21.23
N PRO B 191 15.16 -16.96 20.44
CA PRO B 191 16.12 -18.03 20.17
C PRO B 191 17.34 -17.52 19.41
N ARG B 192 18.53 -17.92 19.85
CA ARG B 192 19.78 -17.61 19.13
C ARG B 192 19.78 -18.43 17.82
N ARG B 193 19.38 -19.68 17.90
CA ARG B 193 19.31 -20.58 16.73
C ARG B 193 17.89 -21.13 16.68
N VAL B 194 17.26 -20.98 15.53
CA VAL B 194 15.89 -21.50 15.38
C VAL B 194 15.79 -22.11 13.98
N LEU B 195 15.16 -23.27 13.95
CA LEU B 195 14.72 -23.98 12.73
C LEU B 195 13.21 -23.80 12.64
N THR B 196 12.76 -23.14 11.58
CA THR B 196 11.33 -23.15 11.19
C THR B 196 11.20 -24.28 10.18
N VAL B 197 10.26 -25.19 10.45
CA VAL B 197 9.96 -26.35 9.58
C VAL B 197 8.67 -26.05 8.84
N GLY B 198 8.78 -25.91 7.52
CA GLY B 198 7.65 -25.65 6.60
C GLY B 198 8.02 -24.58 5.62
N GLY B 199 7.48 -24.63 4.41
CA GLY B 199 7.67 -23.60 3.39
C GLY B 199 6.46 -22.68 3.31
N GLY B 200 5.49 -22.83 4.21
CA GLY B 200 4.22 -22.07 4.17
C GLY B 200 4.39 -20.69 4.79
N PHE B 201 3.33 -19.88 4.79
CA PHE B 201 3.39 -18.47 5.24
C PHE B 201 3.80 -18.40 6.72
N ILE B 202 3.33 -19.31 7.57
CA ILE B 202 3.64 -19.23 9.03
C ILE B 202 5.13 -19.44 9.25
N SER B 203 5.74 -20.46 8.62
CA SER B 203 7.21 -20.70 8.71
C SER B 203 7.98 -19.47 8.19
N VAL B 204 7.59 -18.97 7.03
CA VAL B 204 8.34 -17.85 6.39
C VAL B 204 8.20 -16.60 7.29
N GLU B 205 7.00 -16.35 7.81
CA GLU B 205 6.74 -15.10 8.57
C GLU B 205 7.50 -15.15 9.87
N PHE B 206 7.42 -16.28 10.57
CA PHE B 206 8.21 -16.50 11.81
C PHE B 206 9.71 -16.50 11.52
N ALA B 207 10.17 -16.98 10.38
CA ALA B 207 11.61 -16.93 10.08
C ALA B 207 12.02 -15.46 10.06
N GLY B 208 11.18 -14.59 9.47
CA GLY B 208 11.50 -13.15 9.44
C GLY B 208 11.51 -12.53 10.82
N ILE B 209 10.60 -12.96 11.70
CA ILE B 209 10.46 -12.39 13.06
C ILE B 209 11.71 -12.75 13.87
N PHE B 210 12.03 -14.04 13.92
CA PHE B 210 13.21 -14.59 14.66
C PHE B 210 14.49 -13.98 14.11
N ASN B 211 14.57 -13.79 12.80
CA ASN B 211 15.79 -13.24 12.17
C ASN B 211 16.08 -11.84 12.72
N ALA B 212 15.06 -11.02 12.99
CA ALA B 212 15.24 -9.61 13.41
C ALA B 212 15.61 -9.58 14.89
N TYR B 213 15.03 -10.43 15.73
CA TYR B 213 15.16 -10.35 17.21
C TYR B 213 16.22 -11.33 17.73
N LYS B 214 16.90 -12.08 16.85
CA LYS B 214 17.89 -13.08 17.32
C LYS B 214 19.02 -12.34 18.05
N PRO B 215 19.55 -12.91 19.16
CA PRO B 215 20.69 -12.32 19.84
C PRO B 215 21.91 -12.35 18.93
N PRO B 216 22.94 -11.51 19.21
CA PRO B 216 24.18 -11.51 18.42
C PRO B 216 24.74 -12.92 18.13
N GLY B 217 25.28 -13.09 16.93
CA GLY B 217 25.77 -14.38 16.40
C GLY B 217 24.68 -15.44 16.29
N GLY B 218 23.41 -15.05 16.24
CA GLY B 218 22.30 -16.01 16.11
C GLY B 218 22.10 -16.37 14.66
N LYS B 219 21.23 -17.33 14.38
CA LYS B 219 21.00 -17.79 12.99
C LYS B 219 19.63 -18.44 12.92
N VAL B 220 18.86 -18.06 11.90
CA VAL B 220 17.53 -18.61 11.57
C VAL B 220 17.69 -19.52 10.36
N THR B 221 17.25 -20.76 10.52
CA THR B 221 17.19 -21.75 9.42
C THR B 221 15.73 -22.12 9.22
N LEU B 222 15.33 -22.14 7.95
CA LEU B 222 14.02 -22.63 7.50
C LEU B 222 14.26 -23.86 6.61
N CYS B 223 13.53 -24.92 6.86
CA CYS B 223 13.66 -26.16 6.09
C CYS B 223 12.30 -26.46 5.49
N TYR B 224 12.34 -26.99 4.27
CA TYR B 224 11.13 -27.36 3.53
C TYR B 224 11.43 -28.60 2.71
N ARG B 225 10.46 -29.51 2.69
CA ARG B 225 10.57 -30.87 2.07
C ARG B 225 10.76 -30.73 0.55
N ASN B 226 10.13 -29.75 -0.08
CA ASN B 226 10.18 -29.61 -1.55
C ASN B 226 11.24 -28.58 -1.93
N ASN B 227 11.34 -28.30 -3.24
CA ASN B 227 12.47 -27.58 -3.88
C ASN B 227 12.31 -26.07 -3.70
N LEU B 228 11.11 -25.55 -3.45
CA LEU B 228 10.85 -24.09 -3.50
C LEU B 228 9.72 -23.76 -2.51
N ILE B 229 10.00 -22.85 -1.57
CA ILE B 229 9.04 -22.44 -0.51
C ILE B 229 7.79 -21.82 -1.13
N LEU B 230 6.74 -21.76 -0.32
CA LEU B 230 5.48 -21.05 -0.61
C LEU B 230 4.81 -21.64 -1.83
N ARG B 231 4.63 -22.97 -1.83
N ARG B 231 4.64 -22.97 -1.83
CA ARG B 231 3.83 -23.65 -2.87
CA ARG B 231 3.82 -23.67 -2.86
C ARG B 231 2.43 -23.04 -2.89
C ARG B 231 2.43 -23.04 -2.88
N GLY B 232 1.86 -22.86 -4.08
CA GLY B 232 0.55 -22.22 -4.26
C GLY B 232 0.71 -20.76 -4.66
N PHE B 233 1.82 -20.12 -4.27
CA PHE B 233 2.12 -18.70 -4.65
C PHE B 233 2.73 -18.67 -6.06
N ASP B 234 2.68 -17.49 -6.66
CA ASP B 234 3.33 -17.22 -7.97
C ASP B 234 4.79 -17.69 -7.95
N GLU B 235 5.23 -18.39 -9.00
CA GLU B 235 6.56 -19.04 -8.97
C GLU B 235 7.67 -17.99 -8.97
N THR B 236 7.51 -16.88 -9.70
CA THR B 236 8.55 -15.80 -9.71
C THR B 236 8.69 -15.28 -8.28
N ILE B 237 7.57 -15.09 -7.60
CA ILE B 237 7.57 -14.59 -6.22
C ILE B 237 8.26 -15.59 -5.28
N ARG B 238 8.00 -16.88 -5.46
CA ARG B 238 8.58 -17.95 -4.61
C ARG B 238 10.11 -17.91 -4.66
N GLU B 239 10.66 -17.71 -5.86
CA GLU B 239 12.13 -17.68 -6.11
C GLU B 239 12.68 -16.37 -5.55
N GLU B 240 11.97 -15.26 -5.70
CA GLU B 240 12.48 -13.93 -5.22
C GLU B 240 12.43 -13.90 -3.70
N VAL B 241 11.34 -14.35 -3.11
CA VAL B 241 11.24 -14.32 -1.62
C VAL B 241 12.33 -15.25 -1.03
N THR B 242 12.57 -16.44 -1.61
CA THR B 242 13.75 -17.27 -1.26
C THR B 242 15.03 -16.41 -1.30
N LYS B 243 15.29 -15.73 -2.41
CA LYS B 243 16.54 -14.94 -2.56
C LYS B 243 16.60 -13.81 -1.51
N GLN B 244 15.46 -13.19 -1.23
CA GLN B 244 15.46 -11.96 -0.40
C GLN B 244 15.58 -12.37 1.07
N LEU B 245 15.04 -13.53 1.44
CA LEU B 245 15.23 -14.08 2.80
C LEU B 245 16.71 -14.41 2.99
N THR B 246 17.28 -15.12 2.02
CA THR B 246 18.70 -15.51 2.04
C THR B 246 19.55 -14.22 2.18
N ALA B 247 19.27 -13.16 1.42
CA ALA B 247 20.08 -11.92 1.47
C ALA B 247 20.02 -11.29 2.86
N ASN B 248 18.96 -11.56 3.63
CA ASN B 248 18.84 -11.00 4.99
C ASN B 248 19.34 -11.99 6.05
N GLY B 249 20.04 -13.07 5.65
CA GLY B 249 20.80 -13.94 6.56
C GLY B 249 20.02 -15.15 7.02
N ILE B 250 18.92 -15.48 6.36
CA ILE B 250 18.13 -16.70 6.71
C ILE B 250 18.62 -17.83 5.80
N GLU B 251 18.95 -18.98 6.40
CA GLU B 251 19.38 -20.21 5.68
C GLU B 251 18.11 -20.98 5.29
N ILE B 252 17.81 -21.01 3.99
CA ILE B 252 16.70 -21.80 3.40
C ILE B 252 17.27 -23.16 3.03
N MET B 253 16.95 -24.21 3.80
CA MET B 253 17.28 -25.62 3.49
C MET B 253 16.10 -26.29 2.78
N THR B 254 16.10 -26.29 1.44
CA THR B 254 15.02 -26.96 0.65
C THR B 254 15.40 -28.43 0.42
N ASN B 255 14.39 -29.25 0.15
CA ASN B 255 14.49 -30.74 0.04
C ASN B 255 15.07 -31.30 1.33
N GLU B 256 14.67 -30.74 2.47
CA GLU B 256 15.12 -31.19 3.80
C GLU B 256 13.93 -31.29 4.73
N ASN B 257 13.93 -32.29 5.61
CA ASN B 257 12.80 -32.50 6.55
C ASN B 257 13.32 -33.20 7.80
N PRO B 258 12.93 -32.78 9.03
CA PRO B 258 13.38 -33.45 10.25
C PRO B 258 12.93 -34.90 10.33
N ALA B 259 13.88 -35.81 10.58
CA ALA B 259 13.64 -37.25 10.84
C ALA B 259 13.40 -37.46 12.34
N LYS B 260 14.15 -36.75 13.19
CA LYS B 260 14.03 -36.85 14.65
C LYS B 260 14.72 -35.68 15.35
N VAL B 261 14.38 -35.49 16.62
CA VAL B 261 14.99 -34.46 17.48
C VAL B 261 15.36 -35.11 18.82
N SER B 262 16.58 -34.88 19.28
CA SER B 262 17.03 -35.23 20.66
C SER B 262 17.57 -33.96 21.33
N LEU B 263 17.71 -33.97 22.67
CA LEU B 263 18.34 -32.86 23.43
C LEU B 263 19.86 -33.09 23.47
N ASN B 264 20.65 -32.11 23.04
CA ASN B 264 22.10 -32.02 23.38
C ASN B 264 22.20 -31.93 24.90
N THR B 265 23.39 -32.08 25.48
CA THR B 265 23.58 -32.12 26.96
C THR B 265 23.20 -30.75 27.55
N ASP B 266 23.52 -29.65 26.86
CA ASP B 266 23.22 -28.26 27.27
C ASP B 266 21.73 -27.90 27.14
N GLY B 267 20.87 -28.81 26.65
CA GLY B 267 19.41 -28.61 26.56
C GLY B 267 18.96 -28.08 25.19
N SER B 268 19.89 -27.73 24.30
CA SER B 268 19.62 -27.35 22.90
C SER B 268 19.07 -28.56 22.15
N LYS B 269 18.49 -28.34 20.97
CA LYS B 269 17.84 -29.42 20.19
C LYS B 269 18.82 -29.89 19.11
N HIS B 270 19.03 -31.20 19.06
CA HIS B 270 19.82 -31.88 18.02
C HIS B 270 18.88 -32.37 16.92
N VAL B 271 18.93 -31.74 15.76
CA VAL B 271 18.00 -32.08 14.66
C VAL B 271 18.73 -32.99 13.69
N THR B 272 18.13 -34.15 13.42
CA THR B 272 18.56 -35.07 12.34
C THR B 272 17.55 -34.99 11.19
N PHE B 273 18.00 -34.52 10.03
CA PHE B 273 17.19 -34.46 8.80
C PHE B 273 17.19 -35.82 8.11
N GLU B 274 16.14 -36.09 7.34
CA GLU B 274 15.94 -37.34 6.57
C GLU B 274 17.20 -37.63 5.76
N SER B 275 17.89 -36.59 5.29
CA SER B 275 19.12 -36.63 4.44
C SER B 275 20.38 -36.98 5.26
N GLY B 276 20.18 -37.34 6.53
CA GLY B 276 21.27 -37.60 7.48
C GLY B 276 21.78 -36.33 8.14
N LYS B 277 21.70 -35.18 7.47
CA LYS B 277 22.21 -33.86 7.94
C LYS B 277 21.78 -33.59 9.39
N THR B 278 22.56 -32.75 10.09
CA THR B 278 22.29 -32.38 11.50
C THR B 278 22.42 -30.87 11.68
N LEU B 279 21.67 -30.38 12.65
CA LEU B 279 21.59 -28.94 12.99
C LEU B 279 21.29 -28.88 14.48
N ASP B 280 22.08 -28.10 15.21
CA ASP B 280 21.78 -27.78 16.63
C ASP B 280 21.11 -26.40 16.71
N VAL B 281 19.93 -26.36 17.35
CA VAL B 281 19.13 -25.10 17.51
C VAL B 281 18.58 -25.04 18.93
N ASP B 282 18.14 -23.85 19.32
CA ASP B 282 17.55 -23.57 20.65
C ASP B 282 16.04 -23.85 20.55
N VAL B 283 15.46 -23.62 19.38
CA VAL B 283 14.01 -23.83 19.13
C VAL B 283 13.85 -24.53 17.78
N VAL B 284 12.92 -25.47 17.73
CA VAL B 284 12.38 -26.13 16.51
C VAL B 284 10.90 -25.78 16.46
N MET B 285 10.52 -24.92 15.53
CA MET B 285 9.10 -24.53 15.32
C MET B 285 8.56 -25.29 14.10
N MET B 286 7.65 -26.23 14.36
CA MET B 286 6.89 -26.95 13.32
C MET B 286 5.77 -26.03 12.79
N ALA B 287 5.82 -25.73 11.51
CA ALA B 287 4.78 -25.00 10.77
C ALA B 287 4.52 -25.72 9.44
N ILE B 288 4.17 -27.01 9.54
CA ILE B 288 4.01 -27.92 8.36
C ILE B 288 2.55 -28.03 7.98
N GLY B 289 1.63 -27.50 8.79
CA GLY B 289 0.22 -27.53 8.39
C GLY B 289 -0.70 -27.26 9.54
N ARG B 290 -1.96 -27.09 9.22
CA ARG B 290 -3.01 -26.88 10.25
C ARG B 290 -4.18 -27.77 9.91
N ILE B 291 -4.76 -28.42 10.93
CA ILE B 291 -5.82 -29.42 10.70
C ILE B 291 -7.06 -28.98 11.45
N PRO B 292 -8.24 -29.23 10.86
CA PRO B 292 -9.52 -28.86 11.46
C PRO B 292 -9.66 -29.46 12.86
N ARG B 293 -10.25 -28.71 13.80
CA ARG B 293 -10.39 -29.16 15.20
C ARG B 293 -11.77 -29.78 15.38
N THR B 294 -11.90 -31.05 15.02
CA THR B 294 -13.19 -31.78 15.03
C THR B 294 -13.20 -32.92 16.08
N ASN B 295 -12.03 -33.34 16.55
CA ASN B 295 -11.91 -34.42 17.55
C ASN B 295 -12.84 -34.22 18.76
N ASP B 296 -12.75 -33.04 19.37
CA ASP B 296 -13.36 -32.78 20.69
C ASP B 296 -14.86 -32.57 20.53
N LEU B 297 -15.36 -32.40 19.31
CA LEU B 297 -16.79 -32.04 19.12
C LEU B 297 -17.71 -33.28 19.26
N GLN B 298 -17.15 -34.50 19.36
CA GLN B 298 -17.93 -35.76 19.53
C GLN B 298 -19.03 -35.80 18.47
N LEU B 299 -18.66 -35.48 17.21
CA LEU B 299 -19.64 -35.36 16.11
C LEU B 299 -20.27 -36.73 15.81
N GLY B 300 -19.65 -37.84 16.23
CA GLY B 300 -20.25 -39.19 16.20
C GLY B 300 -21.61 -39.27 16.88
N ASN B 301 -21.94 -38.35 17.79
CA ASN B 301 -23.22 -38.32 18.55
C ASN B 301 -24.38 -37.94 17.64
N VAL B 302 -24.09 -37.25 16.55
CA VAL B 302 -25.17 -36.71 15.69
C VAL B 302 -24.94 -37.20 14.25
N GLY B 303 -23.79 -37.78 13.92
CA GLY B 303 -23.51 -38.31 12.57
C GLY B 303 -23.26 -37.23 11.54
N VAL B 304 -22.62 -36.13 11.94
CA VAL B 304 -22.14 -35.05 11.00
C VAL B 304 -21.02 -35.63 10.13
N LYS B 305 -21.15 -35.47 8.83
CA LYS B 305 -20.19 -36.11 7.90
C LYS B 305 -18.87 -35.34 7.94
N LEU B 306 -17.79 -36.04 8.30
CA LEU B 306 -16.39 -35.54 8.16
C LEU B 306 -15.76 -36.10 6.89
N THR B 307 -14.70 -35.45 6.42
CA THR B 307 -13.74 -35.96 5.39
C THR B 307 -12.72 -36.85 6.10
N PRO B 308 -12.01 -37.75 5.37
CA PRO B 308 -10.86 -38.47 5.92
C PRO B 308 -9.81 -37.56 6.59
N LYS B 309 -9.57 -36.37 6.02
CA LYS B 309 -8.76 -35.25 6.57
C LYS B 309 -9.16 -34.94 8.03
N GLY B 310 -10.45 -34.95 8.33
CA GLY B 310 -11.02 -34.51 9.62
C GLY B 310 -11.78 -33.19 9.54
N GLY B 311 -11.99 -32.63 8.34
CA GLY B 311 -12.79 -31.41 8.18
C GLY B 311 -14.27 -31.73 8.19
N VAL B 312 -15.10 -30.75 8.50
CA VAL B 312 -16.57 -30.94 8.38
C VAL B 312 -16.94 -30.69 6.93
N GLN B 313 -17.55 -31.68 6.29
CA GLN B 313 -17.99 -31.55 4.88
C GLN B 313 -19.18 -30.60 4.88
N VAL B 314 -19.21 -29.66 3.94
CA VAL B 314 -20.28 -28.62 3.85
C VAL B 314 -20.62 -28.45 2.37
N ASP B 315 -21.87 -28.11 2.09
CA ASP B 315 -22.26 -27.60 0.76
C ASP B 315 -21.70 -26.16 0.69
N GLU B 316 -22.04 -25.44 -0.38
CA GLU B 316 -21.57 -24.05 -0.64
C GLU B 316 -22.27 -23.08 0.33
N PHE B 317 -23.31 -23.54 1.03
CA PHE B 317 -24.06 -22.72 2.02
C PHE B 317 -23.65 -23.09 3.45
N SER B 318 -22.56 -23.85 3.60
CA SER B 318 -22.00 -24.19 4.93
C SER B 318 -22.94 -25.14 5.70
N ARG B 319 -23.76 -25.90 4.98
CA ARG B 319 -24.70 -26.88 5.57
C ARG B 319 -24.00 -28.23 5.70
N THR B 320 -24.05 -28.85 6.87
CA THR B 320 -23.58 -30.24 7.05
C THR B 320 -24.66 -31.15 6.44
N ASN B 321 -24.51 -32.48 6.58
CA ASN B 321 -25.53 -33.48 6.19
C ASN B 321 -26.63 -33.51 7.25
N VAL B 322 -26.41 -32.85 8.39
CA VAL B 322 -27.45 -32.73 9.44
C VAL B 322 -28.08 -31.34 9.35
N PRO B 323 -29.41 -31.26 9.07
CA PRO B 323 -30.10 -29.96 9.04
C PRO B 323 -29.95 -29.24 10.38
N ASN B 324 -29.91 -27.91 10.40
CA ASN B 324 -29.79 -27.14 11.66
C ASN B 324 -28.36 -27.24 12.20
N ILE B 325 -27.46 -27.99 11.57
CA ILE B 325 -26.01 -28.00 11.96
C ILE B 325 -25.19 -27.58 10.74
N TYR B 326 -24.43 -26.51 10.93
CA TYR B 326 -23.66 -25.80 9.90
C TYR B 326 -22.20 -25.79 10.35
N ALA B 327 -21.27 -25.55 9.44
CA ALA B 327 -19.85 -25.35 9.77
C ALA B 327 -19.30 -24.24 8.88
N ILE B 328 -18.55 -23.32 9.48
CA ILE B 328 -17.81 -22.26 8.73
C ILE B 328 -16.36 -22.24 9.21
N GLY B 329 -15.51 -21.63 8.38
CA GLY B 329 -14.13 -21.31 8.77
C GLY B 329 -13.22 -22.51 8.58
N ASP B 330 -12.11 -22.52 9.30
CA ASP B 330 -10.98 -23.44 9.07
C ASP B 330 -11.47 -24.89 9.30
N ILE B 331 -12.42 -25.12 10.21
CA ILE B 331 -12.97 -26.50 10.47
C ILE B 331 -13.47 -27.13 9.15
N THR B 332 -13.81 -26.31 8.14
CA THR B 332 -14.30 -26.77 6.82
C THR B 332 -13.11 -27.04 5.89
N ASP B 333 -11.91 -26.65 6.32
CA ASP B 333 -10.63 -26.94 5.61
C ASP B 333 -10.66 -26.50 4.14
N ARG B 334 -11.24 -25.35 3.84
CA ARG B 334 -11.19 -24.78 2.47
C ARG B 334 -10.11 -23.68 2.40
N LEU B 335 -10.47 -22.41 2.57
CA LEU B 335 -9.47 -21.31 2.63
C LEU B 335 -9.31 -20.90 4.09
N MET B 336 -8.12 -21.06 4.66
CA MET B 336 -7.93 -20.76 6.11
C MET B 336 -7.47 -19.30 6.26
N LEU B 337 -8.43 -18.38 6.12
CA LEU B 337 -8.23 -16.91 6.29
C LEU B 337 -9.36 -16.37 7.16
N THR B 338 -9.04 -15.43 8.03
CA THR B 338 -10.02 -14.79 8.93
C THR B 338 -11.14 -14.17 8.10
N PRO B 339 -10.86 -13.39 7.03
CA PRO B 339 -11.95 -12.73 6.32
C PRO B 339 -12.84 -13.75 5.61
N VAL B 340 -12.33 -14.92 5.27
CA VAL B 340 -13.19 -15.97 4.63
C VAL B 340 -14.14 -16.55 5.68
N ALA B 341 -13.60 -16.92 6.83
CA ALA B 341 -14.39 -17.40 7.97
C ALA B 341 -15.50 -16.39 8.27
N ILE B 342 -15.14 -15.10 8.33
CA ILE B 342 -16.09 -14.00 8.65
C ILE B 342 -17.17 -13.99 7.55
N ASN B 343 -16.75 -14.00 6.28
CA ASN B 343 -17.68 -13.98 5.13
C ASN B 343 -18.62 -15.19 5.22
N GLU B 344 -18.10 -16.38 5.51
CA GLU B 344 -18.92 -17.62 5.57
C GLU B 344 -19.99 -17.49 6.66
N GLY B 345 -19.61 -16.94 7.82
CA GLY B 345 -20.51 -16.70 8.98
C GLY B 345 -21.65 -15.80 8.60
N ALA B 346 -21.36 -14.67 7.95
CA ALA B 346 -22.38 -13.70 7.52
C ALA B 346 -23.32 -14.36 6.51
N ALA B 347 -22.78 -15.15 5.57
CA ALA B 347 -23.53 -15.73 4.42
C ALA B 347 -24.50 -16.79 4.96
N LEU B 348 -24.02 -17.59 5.92
CA LEU B 348 -24.82 -18.64 6.59
C LEU B 348 -26.01 -17.99 7.29
N VAL B 349 -25.74 -17.04 8.18
CA VAL B 349 -26.77 -16.36 9.03
C VAL B 349 -27.79 -15.67 8.12
N ASP B 350 -27.33 -14.97 7.08
CA ASP B 350 -28.21 -14.33 6.06
C ASP B 350 -29.08 -15.41 5.40
N THR B 351 -28.49 -16.54 5.07
CA THR B 351 -29.17 -17.69 4.40
C THR B 351 -30.26 -18.23 5.33
N VAL B 352 -29.85 -18.67 6.53
CA VAL B 352 -30.66 -19.43 7.53
C VAL B 352 -31.72 -18.52 8.15
N PHE B 353 -31.32 -17.37 8.70
CA PHE B 353 -32.19 -16.49 9.53
C PHE B 353 -32.80 -15.35 8.68
N GLY B 354 -32.19 -15.00 7.54
CA GLY B 354 -32.62 -13.85 6.71
C GLY B 354 -33.44 -14.25 5.50
N ASN B 355 -33.57 -15.55 5.20
CA ASN B 355 -34.07 -16.07 3.89
C ASN B 355 -33.50 -15.21 2.75
N LYS B 356 -32.20 -14.90 2.84
CA LYS B 356 -31.45 -14.06 1.88
C LYS B 356 -30.28 -14.91 1.41
N PRO B 357 -30.54 -15.90 0.52
CA PRO B 357 -29.63 -17.02 0.34
C PRO B 357 -28.32 -16.53 -0.29
N ARG B 358 -27.20 -16.85 0.33
CA ARG B 358 -25.86 -16.33 -0.05
C ARG B 358 -24.77 -17.35 0.27
N LYS B 359 -23.88 -17.58 -0.69
CA LYS B 359 -22.69 -18.43 -0.54
C LYS B 359 -21.43 -17.56 -0.73
N THR B 360 -20.40 -17.83 0.06
CA THR B 360 -19.08 -17.18 0.01
C THR B 360 -18.37 -17.58 -1.28
N ASP B 361 -17.86 -16.61 -2.01
CA ASP B 361 -17.02 -16.87 -3.20
C ASP B 361 -15.61 -17.05 -2.67
N HIS B 362 -15.07 -18.26 -2.79
CA HIS B 362 -13.71 -18.64 -2.35
C HIS B 362 -12.70 -18.40 -3.48
N THR B 363 -13.18 -17.90 -4.62
CA THR B 363 -12.32 -17.47 -5.76
C THR B 363 -12.01 -15.99 -5.58
N ARG B 364 -10.84 -15.60 -6.08
CA ARG B 364 -10.42 -14.19 -6.23
C ARG B 364 -10.35 -13.49 -4.87
N VAL B 365 -9.98 -14.26 -3.86
CA VAL B 365 -9.82 -13.73 -2.48
C VAL B 365 -8.40 -13.16 -2.40
N ALA B 366 -8.31 -11.86 -2.15
CA ALA B 366 -7.03 -11.18 -1.89
C ALA B 366 -6.48 -11.73 -0.59
N SER B 367 -5.20 -12.04 -0.55
CA SER B 367 -4.47 -12.52 0.65
C SER B 367 -3.06 -11.93 0.64
N ALA B 368 -2.36 -12.13 1.73
CA ALA B 368 -1.03 -11.58 1.94
C ALA B 368 -0.15 -12.60 2.65
N VAL B 369 1.13 -12.44 2.47
CA VAL B 369 2.13 -13.05 3.36
C VAL B 369 2.97 -11.91 3.94
N PHE B 370 3.12 -11.83 5.26
CA PHE B 370 3.89 -10.73 5.90
C PHE B 370 5.31 -11.23 6.08
N SER B 371 5.84 -11.73 4.97
CA SER B 371 7.29 -11.95 4.82
C SER B 371 7.94 -10.59 4.78
N ILE B 372 9.25 -10.59 4.76
CA ILE B 372 10.07 -9.36 4.65
C ILE B 372 11.00 -9.62 3.47
N PRO B 373 10.71 -9.04 2.29
CA PRO B 373 9.50 -8.23 2.07
C PRO B 373 8.21 -9.02 1.84
N PRO B 374 7.02 -8.37 1.94
CA PRO B 374 5.74 -9.07 1.91
C PRO B 374 5.19 -9.39 0.51
N ILE B 375 4.18 -10.24 0.49
CA ILE B 375 3.47 -10.70 -0.73
C ILE B 375 2.03 -10.22 -0.64
N GLY B 376 1.47 -9.81 -1.77
CA GLY B 376 0.02 -9.61 -1.90
C GLY B 376 -0.41 -10.32 -3.14
N THR B 377 -1.49 -11.08 -3.08
CA THR B 377 -1.91 -11.91 -4.23
C THR B 377 -3.43 -11.94 -4.26
N CYS B 378 -4.00 -12.06 -5.44
CA CYS B 378 -5.44 -12.24 -5.66
C CYS B 378 -5.63 -13.01 -6.96
N GLY B 379 -6.34 -14.13 -6.89
CA GLY B 379 -6.67 -14.95 -8.07
C GLY B 379 -5.58 -15.94 -8.42
N LEU B 380 -5.56 -16.37 -9.68
CA LEU B 380 -4.88 -17.61 -10.13
C LEU B 380 -3.42 -17.31 -10.43
N ILE B 381 -2.53 -18.25 -10.10
CA ILE B 381 -1.15 -18.26 -10.65
C ILE B 381 -1.23 -18.79 -12.07
N GLU B 382 -0.19 -18.53 -12.84
CA GLU B 382 -0.23 -18.73 -14.31
C GLU B 382 -0.35 -20.24 -14.63
N GLU B 383 0.42 -21.10 -13.95
CA GLU B 383 0.41 -22.58 -14.16
C GLU B 383 -1.02 -23.10 -14.02
N VAL B 384 -1.76 -22.56 -13.06
CA VAL B 384 -3.17 -22.96 -12.81
C VAL B 384 -4.03 -22.40 -13.95
N ALA B 385 -3.92 -21.10 -14.25
CA ALA B 385 -4.75 -20.46 -15.28
C ALA B 385 -4.56 -21.22 -16.61
N ALA B 386 -3.33 -21.63 -16.90
CA ALA B 386 -2.87 -22.23 -18.17
C ALA B 386 -3.53 -23.59 -18.42
N LYS B 387 -3.99 -24.27 -17.36
CA LYS B 387 -4.74 -25.55 -17.47
C LYS B 387 -6.21 -25.27 -17.78
N GLU B 388 -6.74 -24.13 -17.35
CA GLU B 388 -8.20 -23.84 -17.39
C GLU B 388 -8.52 -22.89 -18.55
N PHE B 389 -7.50 -22.39 -19.27
CA PHE B 389 -7.68 -21.39 -20.36
C PHE B 389 -6.68 -21.68 -21.50
N GLU B 390 -7.18 -21.60 -22.73
CA GLU B 390 -6.44 -21.92 -23.96
C GLU B 390 -5.26 -20.95 -24.10
N LYS B 391 -5.53 -19.65 -23.98
CA LYS B 391 -4.49 -18.60 -24.09
C LYS B 391 -4.47 -17.80 -22.79
N VAL B 392 -3.31 -17.77 -22.15
CA VAL B 392 -3.02 -17.02 -20.91
C VAL B 392 -1.86 -16.08 -21.20
N ALA B 393 -2.01 -14.78 -20.89
CA ALA B 393 -0.92 -13.79 -21.01
C ALA B 393 -0.39 -13.52 -19.60
N VAL B 394 0.92 -13.34 -19.47
CA VAL B 394 1.58 -12.91 -18.21
C VAL B 394 2.22 -11.55 -18.47
N TYR B 395 1.81 -10.54 -17.71
CA TYR B 395 2.43 -9.20 -17.69
C TYR B 395 3.30 -9.11 -16.44
N MET B 396 4.61 -8.92 -16.56
CA MET B 396 5.53 -8.97 -15.41
C MET B 396 6.46 -7.76 -15.42
N SER B 397 6.63 -7.16 -14.24
CA SER B 397 7.58 -6.05 -13.98
C SER B 397 8.35 -6.45 -12.73
N SER B 398 9.65 -6.55 -12.84
CA SER B 398 10.52 -6.96 -11.71
C SER B 398 11.78 -6.11 -11.76
N PHE B 399 12.03 -5.33 -10.72
CA PHE B 399 13.14 -4.33 -10.66
C PHE B 399 13.30 -3.89 -9.21
N THR B 400 14.55 -3.72 -8.76
CA THR B 400 14.88 -3.05 -7.49
C THR B 400 14.37 -1.62 -7.57
N PRO B 401 13.37 -1.19 -6.78
CA PRO B 401 12.93 0.19 -6.77
C PRO B 401 14.12 1.08 -6.36
N LEU B 402 14.08 2.31 -6.82
CA LEU B 402 15.16 3.33 -6.62
C LEU B 402 15.51 3.47 -5.13
N MET B 403 14.52 3.62 -4.24
CA MET B 403 14.79 3.86 -2.80
C MET B 403 15.69 2.73 -2.27
N HIS B 404 15.67 1.53 -2.87
CA HIS B 404 16.45 0.37 -2.36
C HIS B 404 17.84 0.29 -2.99
N ASN B 405 18.09 1.02 -4.07
CA ASN B 405 19.47 1.32 -4.53
C ASN B 405 20.14 2.23 -3.49
N ILE B 406 19.42 3.26 -3.02
CA ILE B 406 19.91 4.18 -1.96
C ILE B 406 19.97 3.45 -0.61
N SER B 407 18.95 2.70 -0.21
CA SER B 407 18.93 2.06 1.13
C SER B 407 20.08 1.06 1.30
N GLY B 408 20.56 0.48 0.19
CA GLY B 408 21.58 -0.59 0.18
C GLY B 408 20.95 -1.96 0.12
N SER B 409 19.62 -2.06 0.22
CA SER B 409 18.88 -3.34 0.04
C SER B 409 18.59 -3.58 -1.45
N LYS B 410 19.65 -3.69 -2.25
CA LYS B 410 19.54 -3.75 -3.73
C LYS B 410 18.95 -5.10 -4.14
N TYR B 411 18.91 -6.07 -3.23
CA TYR B 411 18.26 -7.38 -3.43
C TYR B 411 16.72 -7.29 -3.42
N LYS B 412 16.16 -6.17 -2.96
CA LYS B 412 14.69 -6.03 -2.76
C LYS B 412 14.02 -5.67 -4.09
N LYS B 413 13.96 -6.62 -5.03
CA LYS B 413 13.14 -6.47 -6.26
C LYS B 413 11.67 -6.48 -5.87
N PHE B 414 10.93 -5.48 -6.36
CA PHE B 414 9.45 -5.48 -6.36
C PHE B 414 9.01 -6.28 -7.58
N VAL B 415 8.17 -7.29 -7.40
CA VAL B 415 7.61 -8.07 -8.53
C VAL B 415 6.13 -7.70 -8.63
N ALA B 416 5.68 -7.28 -9.80
CA ALA B 416 4.25 -7.13 -10.11
C ALA B 416 3.92 -8.04 -11.29
N LYS B 417 2.98 -8.97 -11.10
CA LYS B 417 2.59 -9.87 -12.22
C LYS B 417 1.08 -9.89 -12.35
N ILE B 418 0.60 -9.71 -13.58
CA ILE B 418 -0.83 -9.87 -13.91
C ILE B 418 -0.94 -11.04 -14.87
N VAL B 419 -1.86 -11.95 -14.58
CA VAL B 419 -2.14 -13.16 -15.40
C VAL B 419 -3.50 -12.90 -16.04
N THR B 420 -3.63 -13.03 -17.37
CA THR B 420 -4.94 -12.78 -18.03
C THR B 420 -5.37 -13.99 -18.84
N ASN B 421 -6.68 -14.11 -19.04
CA ASN B 421 -7.27 -14.83 -20.19
C ASN B 421 -7.01 -13.96 -21.42
N HIS B 422 -5.97 -14.26 -22.22
CA HIS B 422 -5.57 -13.47 -23.41
C HIS B 422 -6.67 -13.44 -24.49
N SER B 423 -7.61 -14.39 -24.49
CA SER B 423 -8.74 -14.39 -25.45
C SER B 423 -9.59 -13.15 -25.26
N ASP B 424 -9.85 -12.69 -24.02
CA ASP B 424 -10.64 -11.45 -23.80
C ASP B 424 -9.97 -10.45 -22.86
N GLY B 425 -8.75 -10.72 -22.37
CA GLY B 425 -8.00 -9.77 -21.51
C GLY B 425 -8.41 -9.79 -20.04
N THR B 426 -9.36 -10.63 -19.66
CA THR B 426 -9.87 -10.73 -18.26
C THR B 426 -8.71 -11.08 -17.34
N VAL B 427 -8.55 -10.29 -16.26
CA VAL B 427 -7.48 -10.55 -15.27
C VAL B 427 -7.89 -11.75 -14.42
N LEU B 428 -7.05 -12.79 -14.40
CA LEU B 428 -7.29 -14.05 -13.65
C LEU B 428 -6.53 -14.02 -12.32
N GLY B 429 -5.47 -13.24 -12.24
CA GLY B 429 -4.57 -13.23 -11.07
C GLY B 429 -3.65 -12.03 -11.06
N VAL B 430 -3.37 -11.52 -9.85
CA VAL B 430 -2.38 -10.44 -9.63
C VAL B 430 -1.53 -10.85 -8.44
N HIS B 431 -0.21 -10.82 -8.59
CA HIS B 431 0.76 -11.34 -7.62
C HIS B 431 1.84 -10.27 -7.45
N LEU B 432 2.03 -9.83 -6.22
CA LEU B 432 2.93 -8.72 -5.87
C LEU B 432 3.89 -9.20 -4.80
N LEU B 433 5.15 -8.80 -4.92
CA LEU B 433 6.16 -8.99 -3.87
C LEU B 433 6.86 -7.66 -3.69
N GLY B 434 6.94 -7.19 -2.45
CA GLY B 434 7.68 -5.98 -2.09
C GLY B 434 6.86 -5.13 -1.14
N ASP B 435 7.51 -4.16 -0.50
CA ASP B 435 6.93 -3.27 0.51
C ASP B 435 5.59 -2.73 -0.03
N GLY B 436 4.52 -2.79 0.75
CA GLY B 436 3.19 -2.28 0.37
C GLY B 436 2.29 -3.34 -0.26
N ALA B 437 2.84 -4.46 -0.71
CA ALA B 437 2.10 -5.46 -1.50
C ALA B 437 0.78 -5.80 -0.82
N PRO B 438 0.70 -6.09 0.50
CA PRO B 438 -0.58 -6.43 1.13
C PRO B 438 -1.63 -5.31 1.04
N GLU B 439 -1.18 -4.04 1.05
CA GLU B 439 -2.06 -2.85 0.98
C GLU B 439 -2.50 -2.62 -0.47
N ILE B 440 -1.62 -2.86 -1.43
CA ILE B 440 -1.91 -2.64 -2.87
C ILE B 440 -3.00 -3.62 -3.33
N ILE B 441 -2.96 -4.87 -2.85
CA ILE B 441 -3.72 -5.98 -3.47
C ILE B 441 -5.19 -5.88 -3.07
N GLN B 442 -5.51 -5.17 -1.99
CA GLN B 442 -6.89 -5.11 -1.44
C GLN B 442 -7.83 -4.59 -2.52
N ALA B 443 -7.57 -3.39 -3.07
CA ALA B 443 -8.49 -2.83 -4.09
C ALA B 443 -8.36 -3.67 -5.37
N VAL B 444 -7.30 -4.45 -5.54
CA VAL B 444 -7.22 -5.38 -6.71
C VAL B 444 -8.32 -6.45 -6.55
N GLY B 445 -8.63 -6.86 -5.33
CA GLY B 445 -9.76 -7.79 -5.10
C GLY B 445 -11.06 -7.24 -5.66
N VAL B 446 -11.28 -5.94 -5.50
CA VAL B 446 -12.51 -5.26 -5.98
C VAL B 446 -12.49 -5.30 -7.52
N CYS B 447 -11.33 -5.07 -8.11
CA CYS B 447 -11.16 -5.09 -9.59
C CYS B 447 -11.57 -6.47 -10.15
N LEU B 448 -11.11 -7.55 -9.52
CA LEU B 448 -11.35 -8.92 -10.01
C LEU B 448 -12.81 -9.29 -9.78
N ARG B 449 -13.45 -8.72 -8.76
CA ARG B 449 -14.90 -8.92 -8.57
C ARG B 449 -15.61 -8.26 -9.75
N LEU B 450 -15.09 -7.14 -10.28
CA LEU B 450 -15.72 -6.37 -11.38
C LEU B 450 -15.22 -6.87 -12.75
N ASN B 451 -14.56 -8.03 -12.77
CA ASN B 451 -14.11 -8.70 -14.02
C ASN B 451 -13.22 -7.76 -14.81
N ALA B 452 -12.39 -6.97 -14.11
CA ALA B 452 -11.33 -6.14 -14.71
C ALA B 452 -10.58 -6.92 -15.79
N LYS B 453 -10.29 -6.21 -16.89
CA LYS B 453 -9.40 -6.64 -17.97
C LYS B 453 -8.08 -5.88 -17.83
N ILE B 454 -7.03 -6.36 -18.50
CA ILE B 454 -5.68 -5.72 -18.46
C ILE B 454 -5.83 -4.28 -18.96
N SER B 455 -6.76 -4.04 -19.87
CA SER B 455 -6.96 -2.68 -20.45
C SER B 455 -7.53 -1.73 -19.39
N ASP B 456 -8.32 -2.24 -18.45
CA ASP B 456 -8.86 -1.44 -17.30
C ASP B 456 -7.69 -1.00 -16.40
N PHE B 457 -6.70 -1.86 -16.23
CA PHE B 457 -5.45 -1.53 -15.50
C PHE B 457 -4.60 -0.51 -16.28
N TYR B 458 -4.25 -0.76 -17.54
N TYR B 458 -4.22 -0.82 -17.52
CA TYR B 458 -3.26 0.09 -18.25
CA TYR B 458 -3.32 0.04 -18.34
C TYR B 458 -3.92 1.39 -18.76
C TYR B 458 -3.95 1.43 -18.52
N ASN B 459 -5.26 1.48 -18.77
CA ASN B 459 -5.95 2.75 -19.09
C ASN B 459 -6.17 3.60 -17.84
N THR B 460 -5.93 3.03 -16.65
CA THR B 460 -5.99 3.81 -15.40
C THR B 460 -4.68 4.60 -15.28
N ILE B 461 -4.80 5.84 -14.89
CA ILE B 461 -3.63 6.73 -14.71
C ILE B 461 -2.91 6.36 -13.40
N GLY B 462 -1.60 6.20 -13.48
CA GLY B 462 -0.75 5.84 -12.34
C GLY B 462 -0.79 6.93 -11.27
N VAL B 463 -0.59 6.51 -10.02
CA VAL B 463 -0.14 7.39 -8.91
C VAL B 463 1.37 7.27 -8.83
N HIS B 464 2.07 8.39 -8.88
CA HIS B 464 3.53 8.38 -9.04
C HIS B 464 4.09 9.29 -7.98
N PRO B 465 5.19 8.89 -7.32
CA PRO B 465 5.80 7.57 -7.52
C PRO B 465 5.28 6.57 -6.48
N THR B 466 4.86 5.41 -6.98
CA THR B 466 4.45 4.28 -6.15
C THR B 466 5.00 2.99 -6.76
N SER B 467 5.04 1.94 -5.97
CA SER B 467 5.17 0.56 -6.52
C SER B 467 3.87 0.19 -7.26
N ALA B 468 2.70 0.59 -6.76
CA ALA B 468 1.40 0.14 -7.31
C ALA B 468 1.26 0.57 -8.77
N GLU B 469 1.85 1.70 -9.16
CA GLU B 469 1.61 2.21 -10.53
C GLU B 469 2.13 1.18 -11.54
N GLU B 470 3.00 0.27 -11.14
CA GLU B 470 3.50 -0.78 -12.05
C GLU B 470 2.30 -1.52 -12.64
N LEU B 471 1.23 -1.71 -11.85
CA LEU B 471 0.06 -2.51 -12.27
C LEU B 471 -0.63 -1.80 -13.44
N CYS B 472 -0.43 -0.50 -13.60
CA CYS B 472 -1.17 0.36 -14.57
C CYS B 472 -0.24 0.75 -15.73
N SER B 473 0.94 0.12 -15.80
CA SER B 473 2.03 0.47 -16.76
C SER B 473 2.40 -0.71 -17.66
N MET B 474 1.60 -1.78 -17.66
CA MET B 474 1.88 -3.02 -18.40
C MET B 474 0.82 -3.17 -19.50
N ARG B 475 1.26 -2.81 -20.70
CA ARG B 475 0.55 -2.76 -22.01
C ARG B 475 0.78 -4.10 -22.75
N THR B 476 1.94 -4.75 -22.57
CA THR B 476 2.46 -5.83 -23.45
C THR B 476 2.86 -7.07 -22.64
N PRO B 477 2.31 -8.26 -22.99
CA PRO B 477 2.67 -9.50 -22.30
C PRO B 477 4.19 -9.72 -22.30
N SER B 478 4.73 -10.27 -21.21
CA SER B 478 6.14 -10.73 -21.08
C SER B 478 6.28 -12.10 -21.75
N TYR B 479 5.24 -12.93 -21.68
CA TYR B 479 5.18 -14.28 -22.30
C TYR B 479 3.74 -14.79 -22.23
N TYR B 480 3.50 -15.99 -22.75
CA TYR B 480 2.15 -16.58 -22.86
C TYR B 480 2.18 -18.05 -22.45
N TYR B 481 1.01 -18.57 -22.12
CA TYR B 481 0.69 -20.02 -22.17
C TYR B 481 -0.37 -20.18 -23.25
N VAL B 482 -0.06 -21.07 -24.20
CA VAL B 482 -1.02 -21.49 -25.26
C VAL B 482 -1.23 -23.00 -25.05
N LYS B 483 -2.46 -23.39 -24.72
CA LYS B 483 -2.87 -24.80 -24.45
C LYS B 483 -1.89 -25.45 -23.46
N GLY B 484 -1.58 -24.77 -22.34
CA GLY B 484 -0.69 -25.27 -21.26
C GLY B 484 0.79 -25.04 -21.52
N GLU B 485 1.20 -24.62 -22.71
CA GLU B 485 2.65 -24.47 -23.03
C GLU B 485 3.05 -23.01 -23.01
N LYS B 486 4.15 -22.74 -22.32
CA LYS B 486 4.79 -21.41 -22.22
C LYS B 486 5.47 -21.09 -23.55
N MET B 487 5.24 -19.89 -24.08
CA MET B 487 5.85 -19.36 -25.33
C MET B 487 6.54 -18.03 -25.02
N GLU B 488 7.80 -17.87 -24.99
CA GLU B 488 8.08 -16.42 -24.84
C GLU B 488 7.76 -15.71 -26.17
#